data_4NMN
#
_entry.id   4NMN
#
_cell.length_a   195.707
_cell.length_b   195.707
_cell.length_c   195.707
_cell.angle_alpha   90.00
_cell.angle_beta   90.00
_cell.angle_gamma   90.00
#
_symmetry.space_group_name_H-M   'I 21 3'
#
loop_
_entity.id
_entity.type
_entity.pdbx_description
1 polymer 'Replicative DNA helicase'
2 non-polymer "ADENOSINE-5'-DIPHOSPHATE"
3 non-polymer 'MAGNESIUM ION'
4 non-polymer 'STRONTIUM ION'
5 water water
#
_entity_poly.entity_id   1
_entity_poly.type   'polypeptide(L)'
_entity_poly.pdbx_seq_one_letter_code
;LPCDESAERAVLGSMLEDPENIPLVLEYLKEEDFCIDEHKLLFRVLTNLWSEYGNKLDFVLIKDHLEKKNLLQKIPIDWL
EELYEEAVSPDTLEEVCKIVKQRSAQRAIIQLGIELIHKGKENKDFHTLIEEAQSRIFSIAESATSTQFYHVKDVAEEVI
ELIYKFKSSDRLVTGLPSGFTELDLKTTGFHPGDLIILAARPGMGKTAFMLSIIYNLAKDEGKPSAVFSLEMSKEQLVMR
LLSMMSEVPLFKIRSGSISNEDLKKLEASAIELAKYDIYLDDTPALTTTDLRIRARKLRKEKEVEFVAVDYLQLLRPPVR
KSPRQEEVAEVSRNLKALAKELRIPVMALAQLSREVEKRSDKRPQLADLRESGQIEQDADLILFLHRPEYYTKKPNPEEQ
GIAEVIIAKQRQGPTDIVKLAFIKEYTKFANLEA
;
_entity_poly.pdbx_strand_id   A,B
#
# COMPACT_ATOMS: atom_id res chain seq x y z
N PRO A 2 -5.93 14.73 -39.07
CA PRO A 2 -4.57 15.27 -39.05
C PRO A 2 -4.27 16.01 -37.76
N CYS A 3 -5.27 16.11 -36.89
CA CYS A 3 -5.10 16.80 -35.61
C CYS A 3 -6.24 16.46 -34.65
N ASP A 4 -6.00 16.68 -33.36
CA ASP A 4 -7.00 16.41 -32.34
C ASP A 4 -7.07 17.54 -31.33
N GLU A 5 -8.22 18.21 -31.27
CA GLU A 5 -8.40 19.34 -30.36
C GLU A 5 -8.80 18.86 -28.96
N SER A 6 -9.84 18.03 -28.90
CA SER A 6 -10.31 17.52 -27.62
C SER A 6 -9.15 17.12 -26.72
N ALA A 7 -8.09 16.62 -27.34
CA ALA A 7 -6.90 16.21 -26.63
C ALA A 7 -6.15 17.43 -26.09
N GLU A 8 -5.95 18.42 -26.95
CA GLU A 8 -5.20 19.62 -26.60
C GLU A 8 -6.01 20.30 -25.50
N ARG A 9 -7.34 20.22 -25.59
CA ARG A 9 -8.18 20.86 -24.58
C ARG A 9 -7.88 20.42 -23.11
N ALA A 10 -7.86 19.10 -22.95
CA ALA A 10 -7.41 18.49 -21.71
C ALA A 10 -5.98 18.71 -21.22
N VAL A 11 -5.07 18.90 -22.16
CA VAL A 11 -3.67 19.18 -21.83
C VAL A 11 -3.53 20.55 -21.19
N LEU A 12 -4.23 21.53 -21.74
CA LEU A 12 -4.19 22.90 -21.24
C LEU A 12 -4.97 23.01 -19.94
N GLY A 13 -6.15 22.40 -19.91
CA GLY A 13 -6.98 22.35 -18.72
C GLY A 13 -6.30 21.77 -17.50
N SER A 14 -5.64 20.63 -17.69
CA SER A 14 -4.95 19.96 -16.59
C SER A 14 -3.80 20.80 -16.06
N MET A 15 -3.27 21.68 -16.91
CA MET A 15 -2.19 22.58 -16.54
C MET A 15 -2.75 23.74 -15.73
N LEU A 16 -3.96 24.15 -16.08
CA LEU A 16 -4.63 25.26 -15.40
C LEU A 16 -4.98 24.95 -13.95
N GLU A 17 -5.57 23.79 -13.70
CA GLU A 17 -6.01 23.46 -12.34
C GLU A 17 -4.82 23.23 -11.39
N ASP A 18 -3.87 22.40 -11.78
CA ASP A 18 -2.70 22.16 -10.96
C ASP A 18 -1.46 22.57 -11.73
N PRO A 19 -0.69 23.51 -11.18
CA PRO A 19 0.54 23.95 -11.83
C PRO A 19 1.54 22.81 -12.00
N GLU A 20 1.71 22.00 -10.95
CA GLU A 20 2.66 20.90 -10.98
C GLU A 20 2.54 20.08 -12.27
N ASN A 21 1.36 20.07 -12.86
CA ASN A 21 1.12 19.32 -14.09
C ASN A 21 1.91 19.90 -15.27
N ILE A 22 2.17 21.20 -15.22
CA ILE A 22 2.82 21.90 -16.31
C ILE A 22 4.14 21.23 -16.71
N PRO A 23 5.10 21.11 -15.69
CA PRO A 23 6.36 20.51 -16.15
C PRO A 23 6.16 19.17 -16.84
N LEU A 24 5.26 18.35 -16.30
CA LEU A 24 5.02 17.02 -16.85
C LEU A 24 4.67 17.11 -18.32
N VAL A 25 3.85 18.11 -18.65
CA VAL A 25 3.45 18.36 -20.02
C VAL A 25 4.63 18.89 -20.83
N LEU A 26 5.47 19.68 -20.19
CA LEU A 26 6.63 20.29 -20.84
C LEU A 26 7.63 19.22 -21.27
N GLU A 27 7.71 18.13 -20.51
CA GLU A 27 8.55 17.00 -20.87
C GLU A 27 8.01 16.32 -22.12
N TYR A 28 6.70 16.16 -22.17
CA TYR A 28 6.04 15.48 -23.29
C TYR A 28 5.87 16.36 -24.53
N LEU A 29 5.49 17.60 -24.33
CA LEU A 29 5.11 18.46 -25.42
C LEU A 29 5.84 19.81 -25.49
N LYS A 30 5.73 20.48 -26.64
CA LYS A 30 6.28 21.80 -26.84
C LYS A 30 5.22 22.69 -27.48
N GLU A 31 5.50 23.96 -27.59
CA GLU A 31 4.47 24.92 -27.93
C GLU A 31 3.85 24.63 -29.21
N GLU A 32 4.49 23.82 -30.03
CA GLU A 32 4.15 23.79 -31.43
C GLU A 32 3.60 22.51 -31.84
N ASP A 33 3.29 21.68 -30.89
CA ASP A 33 2.59 20.48 -31.19
C ASP A 33 1.16 20.89 -31.14
N PHE A 34 0.90 22.16 -30.89
CA PHE A 34 -0.52 22.54 -30.89
C PHE A 34 -0.95 23.09 -32.24
N CYS A 35 -2.07 22.60 -32.74
CA CYS A 35 -2.59 23.02 -34.05
C CYS A 35 -3.19 24.42 -33.94
N ILE A 36 -3.64 24.82 -32.77
CA ILE A 36 -4.32 26.08 -32.58
C ILE A 36 -3.39 27.14 -32.00
N ASP A 37 -3.46 28.33 -32.56
CA ASP A 37 -2.65 29.46 -32.13
C ASP A 37 -3.19 29.80 -30.74
N GLU A 38 -4.49 29.62 -30.58
CA GLU A 38 -5.15 29.86 -29.30
C GLU A 38 -4.45 29.08 -28.15
N HIS A 39 -4.29 27.79 -28.40
CA HIS A 39 -3.55 26.90 -27.51
C HIS A 39 -2.06 27.15 -27.31
N LYS A 40 -1.38 27.61 -28.36
CA LYS A 40 0.06 27.90 -28.33
C LYS A 40 0.43 29.09 -27.50
N LEU A 41 -0.51 30.00 -27.43
CA LEU A 41 -0.37 31.16 -26.61
C LEU A 41 -0.58 30.77 -25.17
N LEU A 42 -1.62 29.99 -24.93
CA LEU A 42 -1.91 29.53 -23.58
C LEU A 42 -0.77 28.66 -23.05
N PHE A 43 -0.21 27.83 -23.91
CA PHE A 43 0.91 27.00 -23.53
C PHE A 43 2.12 27.86 -23.20
N ARG A 44 2.32 28.91 -23.98
CA ARG A 44 3.43 29.83 -23.78
C ARG A 44 3.33 30.59 -22.46
N VAL A 45 2.18 31.22 -22.21
CA VAL A 45 2.00 32.01 -20.99
C VAL A 45 2.09 31.20 -19.69
N LEU A 46 1.57 29.97 -19.71
CA LEU A 46 1.62 29.13 -18.52
C LEU A 46 3.04 28.61 -18.33
N THR A 47 3.70 28.29 -19.43
CA THR A 47 5.06 27.76 -19.35
C THR A 47 5.95 28.79 -18.67
N ASN A 48 5.87 30.03 -19.13
CA ASN A 48 6.59 31.13 -18.51
C ASN A 48 6.15 31.42 -17.08
N LEU A 49 4.85 31.35 -16.84
CA LEU A 49 4.27 31.65 -15.54
C LEU A 49 4.75 30.68 -14.46
N TRP A 50 4.85 29.40 -14.82
CA TRP A 50 5.21 28.38 -13.85
C TRP A 50 6.61 28.61 -13.28
N SER A 51 7.57 28.96 -14.12
CA SER A 51 8.92 29.21 -13.64
C SER A 51 9.00 30.40 -12.69
N GLU A 52 8.34 31.49 -13.07
CA GLU A 52 8.36 32.72 -12.27
C GLU A 52 7.65 32.58 -10.92
N TYR A 53 6.48 31.95 -10.92
CA TYR A 53 5.70 31.82 -9.69
C TYR A 53 5.84 30.45 -9.05
N GLY A 54 6.31 29.47 -9.83
CA GLY A 54 6.44 28.12 -9.36
C GLY A 54 5.12 27.53 -8.92
N ASN A 55 5.12 26.87 -7.76
CA ASN A 55 3.98 26.12 -7.27
C ASN A 55 2.73 26.93 -6.96
N LYS A 56 2.92 28.11 -6.37
CA LYS A 56 1.80 28.94 -5.95
C LYS A 56 1.33 29.81 -7.10
N LEU A 57 0.71 29.19 -8.10
CA LEU A 57 0.19 29.94 -9.22
C LEU A 57 -1.33 29.82 -9.18
N ASP A 58 -1.99 30.97 -9.22
CA ASP A 58 -3.41 31.04 -8.95
C ASP A 58 -4.20 31.42 -10.19
N PHE A 59 -5.51 31.64 -10.04
CA PHE A 59 -6.30 31.93 -11.22
C PHE A 59 -6.46 33.44 -11.34
N VAL A 60 -6.68 34.10 -10.20
CA VAL A 60 -6.73 35.55 -10.18
C VAL A 60 -5.36 36.11 -10.57
N LEU A 61 -4.31 35.47 -10.06
CA LEU A 61 -2.95 35.89 -10.36
C LEU A 61 -2.66 35.73 -11.85
N ILE A 62 -3.14 34.63 -12.42
CA ILE A 62 -3.01 34.40 -13.85
C ILE A 62 -3.75 35.47 -14.63
N LYS A 63 -4.96 35.80 -14.17
CA LYS A 63 -5.79 36.80 -14.82
C LYS A 63 -5.12 38.17 -14.80
N ASP A 64 -4.52 38.52 -13.67
CA ASP A 64 -3.84 39.81 -13.53
C ASP A 64 -2.66 39.88 -14.50
N HIS A 65 -1.94 38.77 -14.62
CA HIS A 65 -0.81 38.71 -15.55
C HIS A 65 -1.31 38.88 -16.98
N LEU A 66 -2.45 38.27 -17.28
CA LEU A 66 -3.04 38.37 -18.60
C LEU A 66 -3.38 39.82 -18.93
N GLU A 67 -3.90 40.54 -17.94
CA GLU A 67 -4.34 41.91 -18.11
C GLU A 67 -3.15 42.86 -18.30
N LYS A 68 -2.09 42.64 -17.53
CA LYS A 68 -0.90 43.47 -17.66
C LYS A 68 -0.29 43.31 -19.04
N LYS A 69 -0.23 42.06 -19.50
CA LYS A 69 0.22 41.77 -20.86
C LYS A 69 -0.76 42.35 -21.87
N ASN A 70 -2.04 42.28 -21.56
CA ASN A 70 -3.06 42.71 -22.49
C ASN A 70 -3.44 41.56 -23.42
N LEU A 71 -2.85 40.40 -23.16
CA LEU A 71 -3.13 39.19 -23.91
C LEU A 71 -4.59 38.80 -23.73
N LEU A 72 -5.09 38.96 -22.50
CA LEU A 72 -6.46 38.63 -22.16
C LEU A 72 -7.46 39.63 -22.73
N GLN A 73 -8.67 39.15 -23.01
CA GLN A 73 -9.74 40.03 -23.49
C GLN A 73 -11.06 39.70 -22.80
N ILE A 77 -12.11 34.97 -21.02
CA ILE A 77 -11.78 34.38 -19.72
C ILE A 77 -12.71 33.23 -19.39
N ASP A 78 -13.93 33.30 -19.89
CA ASP A 78 -14.93 32.27 -19.64
C ASP A 78 -14.39 30.99 -20.28
N TRP A 79 -13.78 31.16 -21.44
CA TRP A 79 -13.20 30.07 -22.18
C TRP A 79 -12.12 29.41 -21.32
N LEU A 80 -11.35 30.22 -20.62
CA LEU A 80 -10.29 29.71 -19.75
C LEU A 80 -10.87 28.85 -18.64
N GLU A 81 -11.96 29.31 -18.05
CA GLU A 81 -12.65 28.57 -17.00
C GLU A 81 -13.18 27.24 -17.52
N GLU A 82 -13.71 27.27 -18.75
CA GLU A 82 -14.21 26.07 -19.39
C GLU A 82 -13.07 25.08 -19.61
N LEU A 83 -11.91 25.59 -19.98
CA LEU A 83 -10.72 24.77 -20.14
C LEU A 83 -10.31 24.14 -18.81
N TYR A 84 -10.43 24.93 -17.74
CA TYR A 84 -10.14 24.46 -16.39
C TYR A 84 -11.06 23.31 -16.03
N GLU A 85 -12.31 23.40 -16.46
CA GLU A 85 -13.29 22.35 -16.20
C GLU A 85 -12.82 21.03 -16.82
N GLU A 86 -12.21 21.16 -17.98
CA GLU A 86 -11.81 20.08 -18.89
C GLU A 86 -10.61 19.30 -18.39
N ALA A 87 -10.14 19.62 -17.19
CA ALA A 87 -8.94 19.03 -16.63
C ALA A 87 -9.09 17.53 -16.47
N VAL A 88 -7.97 16.83 -16.68
CA VAL A 88 -7.94 15.38 -16.72
C VAL A 88 -6.85 14.85 -15.80
N SER A 89 -6.97 13.58 -15.43
CA SER A 89 -6.13 12.98 -14.41
C SER A 89 -4.69 12.83 -14.86
N PRO A 90 -3.78 12.61 -13.92
CA PRO A 90 -2.35 12.57 -14.26
C PRO A 90 -2.06 11.45 -15.24
N ASP A 91 -2.72 10.31 -15.05
CA ASP A 91 -2.53 9.14 -15.91
C ASP A 91 -3.11 9.40 -17.29
N THR A 92 -4.32 9.94 -17.31
CA THR A 92 -4.97 10.30 -18.57
C THR A 92 -4.20 11.44 -19.23
N LEU A 93 -3.65 12.33 -18.40
CA LEU A 93 -2.89 13.46 -18.90
C LEU A 93 -1.69 12.99 -19.71
N GLU A 94 -1.02 11.96 -19.20
CA GLU A 94 0.10 11.35 -19.88
C GLU A 94 -0.36 10.74 -21.20
N GLU A 95 -1.53 10.11 -21.15
CA GLU A 95 -2.12 9.48 -22.32
C GLU A 95 -2.47 10.49 -23.42
N VAL A 96 -3.13 11.59 -23.06
CA VAL A 96 -3.52 12.59 -24.04
C VAL A 96 -2.33 13.39 -24.57
N CYS A 97 -1.31 13.57 -23.73
CA CYS A 97 -0.07 14.20 -24.19
C CYS A 97 0.57 13.37 -25.30
N LYS A 98 0.53 12.06 -25.12
CA LYS A 98 1.10 11.14 -26.10
C LYS A 98 0.38 11.22 -27.46
N ILE A 99 -0.94 11.27 -27.43
CA ILE A 99 -1.71 11.35 -28.67
C ILE A 99 -1.56 12.71 -29.36
N VAL A 100 -1.41 13.78 -28.56
CA VAL A 100 -1.14 15.09 -29.13
C VAL A 100 0.22 15.08 -29.83
N LYS A 101 1.20 14.46 -29.18
CA LYS A 101 2.54 14.39 -29.74
C LYS A 101 2.58 13.63 -31.06
N GLN A 102 1.85 12.53 -31.13
CA GLN A 102 1.82 11.72 -32.35
C GLN A 102 1.20 12.44 -33.54
N ARG A 103 0.12 13.18 -33.30
CA ARG A 103 -0.49 13.99 -34.35
C ARG A 103 0.47 15.06 -34.83
N SER A 104 1.05 15.79 -33.88
CA SER A 104 2.07 16.79 -34.19
C SER A 104 3.20 16.25 -35.06
N ALA A 105 3.77 15.11 -34.65
CA ALA A 105 4.84 14.49 -35.41
C ALA A 105 4.37 14.08 -36.81
N GLN A 106 3.15 13.57 -36.89
CA GLN A 106 2.55 13.20 -38.18
C GLN A 106 2.42 14.43 -39.10
N ARG A 107 1.89 15.51 -38.55
CA ARG A 107 1.78 16.78 -39.28
C ARG A 107 3.14 17.23 -39.80
N ALA A 108 4.12 17.24 -38.90
CA ALA A 108 5.48 17.65 -39.21
C ALA A 108 6.09 16.86 -40.38
N ILE A 109 5.89 15.55 -40.38
CA ILE A 109 6.41 14.69 -41.44
C ILE A 109 5.75 14.98 -42.78
N ILE A 110 4.42 15.08 -42.77
CA ILE A 110 3.65 15.36 -43.98
C ILE A 110 4.04 16.71 -44.55
N GLN A 111 4.24 17.70 -43.67
CA GLN A 111 4.66 19.02 -44.10
C GLN A 111 6.00 19.00 -44.82
N LEU A 112 6.95 18.26 -44.26
CA LEU A 112 8.26 18.09 -44.89
C LEU A 112 8.11 17.50 -46.29
N GLY A 113 7.21 16.54 -46.43
CA GLY A 113 6.91 15.93 -47.71
C GLY A 113 6.35 16.93 -48.71
N ILE A 114 5.37 17.72 -48.25
CA ILE A 114 4.78 18.77 -49.09
C ILE A 114 5.84 19.75 -49.55
N GLU A 115 6.64 20.26 -48.63
CA GLU A 115 7.70 21.20 -48.95
C GLU A 115 8.68 20.64 -49.97
N LEU A 116 9.15 19.42 -49.72
CA LEU A 116 10.11 18.77 -50.62
C LEU A 116 9.57 18.64 -52.05
N ILE A 117 8.27 18.34 -52.16
CA ILE A 117 7.64 18.28 -53.48
C ILE A 117 7.64 19.65 -54.13
N HIS A 118 7.18 20.66 -53.38
CA HIS A 118 7.21 22.05 -53.84
C HIS A 118 8.61 22.47 -54.25
N LYS A 119 9.57 22.27 -53.35
CA LYS A 119 10.97 22.56 -53.62
C LYS A 119 11.45 21.78 -54.85
N GLY A 120 11.04 20.52 -54.93
CA GLY A 120 11.36 19.67 -56.06
C GLY A 120 10.81 20.16 -57.38
N LYS A 121 9.57 20.63 -57.39
CA LYS A 121 8.94 21.15 -58.61
C LYS A 121 9.67 22.41 -59.06
N GLU A 122 10.13 23.18 -58.09
CA GLU A 122 10.96 24.35 -58.35
C GLU A 122 12.37 23.85 -58.61
N ASN A 123 13.30 24.75 -58.88
CA ASN A 123 14.67 24.32 -59.15
C ASN A 123 15.60 24.74 -58.03
N LYS A 124 16.08 23.76 -57.27
CA LYS A 124 16.99 24.02 -56.17
C LYS A 124 18.03 22.91 -56.09
N ASP A 125 19.16 23.20 -55.43
CA ASP A 125 20.22 22.23 -55.24
C ASP A 125 19.75 21.01 -54.45
N PHE A 126 20.08 19.82 -54.96
CA PHE A 126 19.68 18.57 -54.32
C PHE A 126 20.30 18.42 -52.94
N HIS A 127 21.57 18.76 -52.84
CA HIS A 127 22.33 18.68 -51.59
C HIS A 127 21.74 19.55 -50.48
N THR A 128 21.34 20.76 -50.84
CA THR A 128 20.75 21.69 -49.88
C THR A 128 19.44 21.15 -49.32
N LEU A 129 18.57 20.69 -50.20
CA LEU A 129 17.27 20.15 -49.81
C LEU A 129 17.37 18.92 -48.91
N ILE A 130 18.22 17.97 -49.28
CA ILE A 130 18.34 16.74 -48.49
C ILE A 130 18.97 16.99 -47.12
N GLU A 131 19.95 17.89 -47.07
CA GLU A 131 20.62 18.22 -45.82
C GLU A 131 19.61 18.87 -44.87
N GLU A 132 18.81 19.78 -45.41
CA GLU A 132 17.76 20.45 -44.66
C GLU A 132 16.70 19.44 -44.20
N ALA A 133 16.41 18.47 -45.07
CA ALA A 133 15.48 17.40 -44.74
C ALA A 133 16.04 16.55 -43.60
N GLN A 134 17.34 16.32 -43.66
CA GLN A 134 18.05 15.60 -42.60
C GLN A 134 17.95 16.40 -41.31
N SER A 135 18.16 17.70 -41.40
CA SER A 135 18.10 18.60 -40.24
C SER A 135 16.70 18.64 -39.67
N ARG A 136 15.70 18.69 -40.55
CA ARG A 136 14.30 18.78 -40.14
C ARG A 136 13.81 17.51 -39.47
N ILE A 137 14.19 16.36 -40.02
CA ILE A 137 13.84 15.09 -39.41
C ILE A 137 14.57 14.93 -38.07
N PHE A 138 15.79 15.46 -37.99
CA PHE A 138 16.56 15.44 -36.76
C PHE A 138 15.87 16.27 -35.68
N SER A 139 15.30 17.40 -36.09
CA SER A 139 14.59 18.28 -35.16
C SER A 139 13.32 17.62 -34.64
N ILE A 140 12.62 16.91 -35.52
CA ILE A 140 11.41 16.19 -35.13
C ILE A 140 11.78 15.06 -34.18
N ALA A 141 12.92 14.42 -34.45
CA ALA A 141 13.45 13.35 -33.62
C ALA A 141 13.83 13.87 -32.23
N GLU A 142 14.38 15.08 -32.20
CA GLU A 142 14.82 15.68 -30.95
C GLU A 142 13.62 15.98 -30.06
N SER A 143 12.58 16.56 -30.65
CA SER A 143 11.37 16.88 -29.90
C SER A 143 10.59 15.61 -29.56
N SER A 146 13.62 12.61 -26.66
CA SER A 146 13.79 13.93 -26.09
C SER A 146 15.11 14.04 -25.33
N THR A 147 15.45 13.00 -24.59
CA THR A 147 16.70 12.97 -23.82
C THR A 147 17.87 12.74 -24.77
N GLN A 148 18.99 13.42 -24.55
CA GLN A 148 20.12 13.32 -25.46
C GLN A 148 21.40 12.63 -25.00
N PHE A 149 22.35 12.59 -25.92
CA PHE A 149 23.71 12.09 -25.64
C PHE A 149 24.63 13.02 -24.88
N TYR A 150 25.46 12.47 -24.00
CA TYR A 150 26.32 13.29 -23.13
C TYR A 150 27.78 12.94 -23.40
N HIS A 151 28.60 13.98 -23.61
CA HIS A 151 30.04 13.80 -23.77
C HIS A 151 30.70 13.51 -22.42
N VAL A 152 31.78 12.73 -22.44
CA VAL A 152 32.42 12.29 -21.21
C VAL A 152 33.02 13.41 -20.37
N LYS A 153 33.35 14.53 -21.03
CA LYS A 153 33.97 15.68 -20.36
C LYS A 153 33.07 16.32 -19.32
N ASP A 154 31.79 16.46 -19.64
CA ASP A 154 30.79 17.00 -18.72
C ASP A 154 30.48 16.04 -17.59
N VAL A 155 30.36 14.76 -17.91
CA VAL A 155 30.09 13.73 -16.91
C VAL A 155 31.27 13.58 -15.96
N ALA A 156 32.49 13.72 -16.50
CA ALA A 156 33.70 13.61 -15.70
C ALA A 156 33.74 14.68 -14.60
N GLU A 157 33.30 15.89 -14.92
CA GLU A 157 33.30 16.98 -13.97
C GLU A 157 32.40 16.73 -12.76
N GLU A 158 31.21 16.19 -13.01
CA GLU A 158 30.29 15.84 -11.94
C GLU A 158 30.80 14.68 -11.08
N VAL A 159 31.42 13.70 -11.73
CA VAL A 159 31.99 12.55 -11.04
C VAL A 159 33.10 12.97 -10.06
N ILE A 160 33.97 13.87 -10.52
CA ILE A 160 35.04 14.39 -9.68
C ILE A 160 34.47 15.10 -8.45
N GLU A 161 33.42 15.88 -8.66
CA GLU A 161 32.74 16.56 -7.56
C GLU A 161 32.19 15.56 -6.54
N LEU A 162 31.67 14.44 -7.02
CA LEU A 162 31.19 13.37 -6.16
C LEU A 162 32.32 12.78 -5.34
N ILE A 163 33.49 12.63 -5.97
CA ILE A 163 34.67 12.13 -5.28
C ILE A 163 35.14 13.11 -4.21
N TYR A 164 35.07 14.40 -4.52
CA TYR A 164 35.35 15.45 -3.54
C TYR A 164 34.49 15.31 -2.29
N LYS A 165 33.19 15.15 -2.48
CA LYS A 165 32.24 15.06 -1.37
C LYS A 165 32.53 13.84 -0.50
N PHE A 166 32.97 12.75 -1.12
CA PHE A 166 33.32 11.53 -0.40
C PHE A 166 34.61 11.74 0.37
N LYS A 167 35.55 12.43 -0.25
CA LYS A 167 36.82 12.79 0.37
C LYS A 167 36.64 13.69 1.58
N SER A 168 35.74 14.66 1.46
CA SER A 168 35.56 15.70 2.47
C SER A 168 34.65 15.30 3.62
N SER A 169 34.20 14.05 3.64
CA SER A 169 33.24 13.62 4.63
C SER A 169 33.89 13.01 5.88
N ASP A 170 33.27 13.27 7.02
CA ASP A 170 33.74 12.81 8.33
C ASP A 170 33.10 11.48 8.70
N ARG A 171 32.38 10.89 7.75
CA ARG A 171 31.54 9.74 8.01
C ARG A 171 32.31 8.43 7.84
N LEU A 172 32.04 7.48 8.72
CA LEU A 172 32.58 6.12 8.58
C LEU A 172 31.87 5.44 7.43
N VAL A 173 30.59 5.76 7.28
CA VAL A 173 29.78 5.21 6.21
C VAL A 173 29.14 6.43 5.57
N THR A 174 29.36 6.61 4.27
CA THR A 174 28.72 7.70 3.56
C THR A 174 27.29 7.28 3.22
N GLY A 175 26.36 8.22 3.23
CA GLY A 175 24.98 7.88 2.96
C GLY A 175 24.37 7.28 4.21
N LEU A 176 23.08 6.93 4.12
CA LEU A 176 22.35 6.39 5.26
C LEU A 176 22.83 5.01 5.69
N PRO A 177 23.20 4.88 6.98
CA PRO A 177 23.68 3.63 7.56
C PRO A 177 22.54 2.65 7.81
N SER A 178 22.79 1.36 7.64
CA SER A 178 21.77 0.35 7.84
C SER A 178 21.54 0.02 9.31
N GLY A 179 22.58 0.19 10.12
CA GLY A 179 22.50 -0.15 11.53
C GLY A 179 23.23 -1.44 11.85
N PHE A 180 23.48 -2.25 10.82
CA PHE A 180 24.24 -3.48 10.99
C PHE A 180 25.67 -3.26 10.52
N THR A 181 26.59 -3.26 11.48
CA THR A 181 27.97 -2.80 11.26
C THR A 181 28.71 -3.44 10.08
N GLU A 182 28.71 -4.77 10.01
CA GLU A 182 29.47 -5.48 8.99
C GLU A 182 28.88 -5.27 7.60
N LEU A 183 27.55 -5.30 7.51
CA LEU A 183 26.87 -5.02 6.26
C LEU A 183 27.07 -3.57 5.85
N ASP A 184 26.91 -2.67 6.83
CA ASP A 184 27.05 -1.24 6.60
C ASP A 184 28.43 -0.82 6.11
N LEU A 185 29.45 -1.55 6.53
CA LEU A 185 30.82 -1.24 6.15
C LEU A 185 31.15 -1.67 4.73
N LYS A 186 30.78 -2.90 4.39
CA LYS A 186 31.08 -3.48 3.08
C LYS A 186 30.17 -2.96 1.97
N THR A 187 28.96 -2.55 2.33
CA THR A 187 28.00 -2.02 1.37
C THR A 187 28.28 -0.54 1.15
N THR A 188 28.97 0.06 2.11
CA THR A 188 29.32 1.49 2.13
C THR A 188 28.10 2.39 2.36
N GLY A 189 26.93 1.77 2.50
CA GLY A 189 25.71 2.49 2.82
C GLY A 189 24.67 2.72 1.74
N PHE A 190 23.59 3.40 2.13
CA PHE A 190 22.51 3.72 1.21
C PHE A 190 22.64 5.17 0.76
N HIS A 191 22.98 5.37 -0.51
CA HIS A 191 23.20 6.71 -1.04
C HIS A 191 21.92 7.31 -1.63
N PRO A 192 21.85 8.64 -1.69
CA PRO A 192 20.66 9.27 -2.28
C PRO A 192 20.49 8.96 -3.76
N GLY A 193 19.26 8.60 -4.13
CA GLY A 193 18.92 8.43 -5.53
C GLY A 193 19.17 7.06 -6.11
N ASP A 194 19.30 6.04 -5.26
CA ASP A 194 19.51 4.69 -5.75
C ASP A 194 18.45 3.72 -5.23
N LEU A 195 18.28 2.59 -5.91
CA LEU A 195 17.26 1.63 -5.52
C LEU A 195 17.86 0.38 -4.94
N ILE A 196 17.43 0.05 -3.73
CA ILE A 196 17.93 -1.12 -3.02
C ILE A 196 16.86 -2.18 -2.98
N ILE A 197 17.24 -3.42 -3.21
CA ILE A 197 16.29 -4.52 -3.26
C ILE A 197 16.56 -5.57 -2.19
N LEU A 198 15.62 -5.73 -1.26
CA LEU A 198 15.74 -6.79 -0.27
C LEU A 198 14.82 -7.92 -0.70
N ALA A 199 15.43 -9.02 -1.15
CA ALA A 199 14.67 -10.14 -1.70
C ALA A 199 14.89 -11.42 -0.91
N ALA A 200 13.80 -12.06 -0.50
CA ALA A 200 13.86 -13.32 0.23
C ALA A 200 12.55 -14.08 0.11
N ARG A 201 12.59 -15.38 0.39
CA ARG A 201 11.38 -16.20 0.42
C ARG A 201 10.47 -15.79 1.57
N PRO A 202 9.16 -16.09 1.46
CA PRO A 202 8.21 -15.77 2.53
C PRO A 202 8.64 -16.37 3.88
N GLY A 203 8.63 -15.55 4.92
CA GLY A 203 8.98 -15.98 6.26
C GLY A 203 10.48 -15.97 6.54
N MET A 204 11.24 -15.30 5.68
CA MET A 204 12.68 -15.20 5.86
C MET A 204 13.07 -13.96 6.66
N GLY A 205 12.07 -13.17 7.04
CA GLY A 205 12.28 -11.99 7.86
C GLY A 205 12.72 -10.71 7.15
N LYS A 206 12.21 -10.47 5.95
CA LYS A 206 12.54 -9.21 5.27
C LYS A 206 11.68 -8.04 5.76
N THR A 207 10.43 -8.33 6.11
CA THR A 207 9.56 -7.31 6.68
C THR A 207 10.14 -6.84 8.02
N ALA A 208 10.65 -7.79 8.78
CA ALA A 208 11.31 -7.51 10.06
C ALA A 208 12.62 -6.75 9.87
N PHE A 209 13.38 -7.14 8.84
CA PHE A 209 14.65 -6.48 8.53
C PHE A 209 14.45 -5.02 8.17
N MET A 210 13.39 -4.75 7.41
CA MET A 210 13.00 -3.39 7.07
C MET A 210 12.73 -2.58 8.34
N LEU A 211 11.95 -3.17 9.24
CA LEU A 211 11.63 -2.55 10.52
C LEU A 211 12.89 -2.25 11.34
N SER A 212 13.85 -3.16 11.30
CA SER A 212 15.12 -2.97 12.01
C SER A 212 15.87 -1.76 11.44
N ILE A 213 15.89 -1.67 10.11
CA ILE A 213 16.56 -0.56 9.43
C ILE A 213 15.96 0.79 9.79
N ILE A 214 14.64 0.89 9.65
CA ILE A 214 13.95 2.15 9.91
C ILE A 214 14.01 2.57 11.38
N TYR A 215 14.00 1.58 12.29
CA TYR A 215 14.14 1.86 13.71
C TYR A 215 15.53 2.40 14.01
N ASN A 216 16.55 1.72 13.49
CA ASN A 216 17.93 2.13 13.68
C ASN A 216 18.20 3.52 13.11
N LEU A 217 17.57 3.84 11.98
CA LEU A 217 17.71 5.15 11.36
C LEU A 217 17.13 6.25 12.25
N ALA A 218 15.90 6.06 12.69
CA ALA A 218 15.21 7.05 13.52
C ALA A 218 15.88 7.25 14.87
N LYS A 219 16.24 6.15 15.52
CA LYS A 219 16.83 6.20 16.85
C LYS A 219 18.25 6.75 16.85
N ASP A 220 19.12 6.14 16.03
CA ASP A 220 20.53 6.47 16.07
C ASP A 220 20.91 7.72 15.29
N GLU A 221 20.36 7.86 14.08
CA GLU A 221 20.69 9.00 13.24
C GLU A 221 19.71 10.17 13.37
N GLY A 222 18.62 9.95 14.11
CA GLY A 222 17.60 10.96 14.29
C GLY A 222 17.00 11.45 12.98
N LYS A 223 16.74 10.52 12.07
CA LYS A 223 16.23 10.87 10.74
C LYS A 223 14.87 10.23 10.48
N PRO A 224 13.96 10.98 9.81
CA PRO A 224 12.63 10.49 9.49
C PRO A 224 12.59 9.52 8.31
N SER A 225 11.68 8.55 8.38
CA SER A 225 11.48 7.58 7.34
C SER A 225 10.03 7.33 6.98
N ALA A 226 9.79 6.80 5.79
CA ALA A 226 8.43 6.51 5.35
C ALA A 226 8.37 5.07 4.87
N VAL A 227 7.30 4.38 5.23
CA VAL A 227 7.07 3.02 4.75
C VAL A 227 5.69 2.89 4.14
N PHE A 228 5.64 2.32 2.93
CA PHE A 228 4.36 1.94 2.35
C PHE A 228 4.24 0.45 2.62
N SER A 229 3.34 0.08 3.53
CA SER A 229 3.19 -1.33 3.82
C SER A 229 1.94 -1.85 3.12
N LEU A 230 2.17 -2.57 2.03
CA LEU A 230 1.11 -3.14 1.24
C LEU A 230 0.66 -4.46 1.83
N GLU A 231 1.60 -5.12 2.50
CA GLU A 231 1.38 -6.45 3.06
C GLU A 231 0.60 -6.41 4.37
N MET A 232 1.21 -5.79 5.39
CA MET A 232 0.62 -5.76 6.71
C MET A 232 0.13 -4.38 7.12
N SER A 233 -0.89 -4.34 7.96
CA SER A 233 -1.47 -3.08 8.41
C SER A 233 -0.50 -2.32 9.30
N LYS A 234 -0.73 -1.02 9.44
CA LYS A 234 0.12 -0.16 10.26
C LYS A 234 0.12 -0.59 11.73
N GLU A 235 -0.99 -1.13 12.20
CA GLU A 235 -1.09 -1.60 13.57
C GLU A 235 -0.23 -2.83 13.80
N GLN A 236 -0.28 -3.77 12.87
CA GLN A 236 0.51 -4.99 12.95
C GLN A 236 1.99 -4.66 12.91
N LEU A 237 2.35 -3.74 12.02
CA LEU A 237 3.71 -3.29 11.85
C LEU A 237 4.26 -2.66 13.13
N VAL A 238 3.47 -1.75 13.72
CA VAL A 238 3.84 -1.10 14.97
C VAL A 238 3.87 -2.08 16.16
N MET A 239 2.86 -2.96 16.23
CA MET A 239 2.80 -3.97 17.28
C MET A 239 4.04 -4.87 17.27
N ARG A 240 4.44 -5.31 16.08
CA ARG A 240 5.65 -6.09 15.91
C ARG A 240 6.89 -5.32 16.36
N LEU A 241 6.95 -4.04 15.99
CA LEU A 241 8.06 -3.17 16.35
C LEU A 241 8.18 -2.97 17.86
N LEU A 242 7.05 -2.88 18.54
CA LEU A 242 7.03 -2.76 20.00
C LEU A 242 7.61 -4.03 20.62
N SER A 243 7.31 -5.17 20.00
CA SER A 243 7.85 -6.44 20.45
C SER A 243 9.36 -6.48 20.27
N MET A 244 9.84 -5.86 19.21
CA MET A 244 11.27 -5.79 18.94
C MET A 244 11.97 -4.90 19.97
N MET A 245 11.33 -3.79 20.31
CA MET A 245 11.91 -2.85 21.27
C MET A 245 11.90 -3.38 22.71
N SER A 246 10.73 -3.84 23.15
CA SER A 246 10.54 -4.27 24.53
C SER A 246 11.00 -5.69 24.80
N GLU A 247 11.29 -6.42 23.72
CA GLU A 247 11.68 -7.83 23.82
C GLU A 247 10.62 -8.67 24.51
N VAL A 248 9.37 -8.28 24.35
CA VAL A 248 8.23 -9.07 24.79
C VAL A 248 7.75 -9.86 23.58
N PRO A 249 7.67 -11.19 23.71
CA PRO A 249 7.33 -12.06 22.58
C PRO A 249 6.00 -11.70 21.91
N LEU A 250 6.03 -11.64 20.58
CA LEU A 250 4.90 -11.17 19.78
C LEU A 250 3.67 -12.06 19.93
N PHE A 251 3.88 -13.35 20.09
CA PHE A 251 2.76 -14.29 20.20
C PHE A 251 1.96 -14.12 21.46
N LYS A 252 2.61 -13.66 22.51
CA LYS A 252 1.93 -13.37 23.76
C LYS A 252 1.13 -12.07 23.66
N ILE A 253 1.69 -11.08 22.99
CA ILE A 253 1.02 -9.80 22.77
C ILE A 253 -0.27 -10.00 22.00
N ARG A 254 -0.20 -10.79 20.93
CA ARG A 254 -1.37 -11.01 20.08
C ARG A 254 -2.39 -11.90 20.73
N SER A 255 -1.94 -12.84 21.55
CA SER A 255 -2.84 -13.80 22.18
C SER A 255 -3.57 -13.12 23.33
N GLY A 256 -2.88 -12.18 23.98
CA GLY A 256 -3.49 -11.40 25.03
C GLY A 256 -3.01 -11.84 26.40
N SER A 257 -1.95 -12.64 26.45
CA SER A 257 -1.42 -13.08 27.73
C SER A 257 -0.16 -12.28 28.01
N ILE A 258 -0.24 -11.46 29.05
CA ILE A 258 0.80 -10.51 29.37
C ILE A 258 0.86 -10.32 30.88
N SER A 259 2.02 -9.97 31.41
CA SER A 259 2.13 -9.66 32.82
C SER A 259 2.19 -8.15 32.99
N ASN A 260 1.70 -7.66 34.13
CA ASN A 260 1.69 -6.23 34.39
C ASN A 260 3.08 -5.64 34.16
N GLU A 261 4.12 -6.40 34.49
CA GLU A 261 5.49 -5.99 34.22
C GLU A 261 5.78 -5.87 32.71
N ASP A 262 5.28 -6.84 31.95
CA ASP A 262 5.36 -6.82 30.50
C ASP A 262 4.65 -5.63 29.85
N LEU A 263 3.51 -5.25 30.41
CA LEU A 263 2.75 -4.11 29.93
C LEU A 263 3.48 -2.79 30.10
N LYS A 264 4.09 -2.59 31.27
CA LYS A 264 4.82 -1.36 31.54
C LYS A 264 5.98 -1.19 30.57
N LYS A 265 6.67 -2.29 30.28
CA LYS A 265 7.73 -2.31 29.29
C LYS A 265 7.22 -1.89 27.93
N LEU A 266 6.05 -2.41 27.55
CA LEU A 266 5.41 -2.08 26.29
C LEU A 266 4.99 -0.61 26.24
N GLU A 267 4.49 -0.09 27.36
CA GLU A 267 4.07 1.30 27.44
C GLU A 267 5.25 2.25 27.24
N ALA A 268 6.35 1.96 27.92
CA ALA A 268 7.57 2.74 27.79
C ALA A 268 8.08 2.73 26.36
N SER A 269 8.05 1.55 25.73
CA SER A 269 8.48 1.40 24.36
C SER A 269 7.64 2.27 23.43
N ALA A 270 6.36 2.38 23.75
CA ALA A 270 5.43 3.20 22.98
C ALA A 270 5.79 4.68 23.08
N ILE A 271 6.22 5.10 24.26
CA ILE A 271 6.63 6.49 24.47
C ILE A 271 7.86 6.83 23.64
N GLU A 272 8.87 5.97 23.71
CA GLU A 272 10.11 6.17 22.96
C GLU A 272 9.89 6.15 21.45
N LEU A 273 9.01 5.26 21.01
CA LEU A 273 8.71 5.16 19.58
C LEU A 273 7.99 6.41 19.10
N ALA A 274 7.13 6.96 19.95
CA ALA A 274 6.40 8.18 19.65
C ALA A 274 7.35 9.37 19.46
N LYS A 275 8.50 9.32 20.10
CA LYS A 275 9.53 10.34 19.92
C LYS A 275 10.04 10.37 18.50
N TYR A 276 10.23 9.18 17.92
CA TYR A 276 10.83 9.05 16.59
C TYR A 276 9.84 9.48 15.51
N ASP A 277 10.35 9.97 14.39
CA ASP A 277 9.49 10.37 13.28
C ASP A 277 9.44 9.29 12.21
N ILE A 278 8.31 8.60 12.13
CA ILE A 278 8.10 7.54 11.16
C ILE A 278 6.67 7.60 10.61
N TYR A 279 6.54 7.62 9.29
CA TYR A 279 5.23 7.74 8.66
C TYR A 279 4.83 6.45 7.94
N LEU A 280 3.61 6.00 8.19
CA LEU A 280 3.15 4.72 7.66
C LEU A 280 1.93 4.86 6.73
N ASP A 281 1.96 4.14 5.62
CA ASP A 281 0.82 4.06 4.72
C ASP A 281 0.54 2.58 4.47
N ASP A 282 -0.60 2.10 4.97
CA ASP A 282 -0.97 0.70 4.83
C ASP A 282 -1.93 0.40 3.69
N THR A 283 -2.19 1.39 2.83
CA THR A 283 -3.06 1.21 1.67
C THR A 283 -2.66 -0.02 0.86
N PRO A 284 -3.58 -0.99 0.73
CA PRO A 284 -3.29 -2.36 0.29
C PRO A 284 -2.67 -2.55 -1.09
N ALA A 285 -3.23 -1.95 -2.13
CA ALA A 285 -2.63 -2.04 -3.46
C ALA A 285 -2.49 -0.66 -4.06
N LEU A 286 -1.27 -0.19 -4.17
CA LEU A 286 -1.01 1.11 -4.77
C LEU A 286 -0.50 0.97 -6.20
N THR A 287 -0.96 1.85 -7.08
CA THR A 287 -0.36 1.98 -8.39
C THR A 287 0.94 2.77 -8.25
N THR A 288 1.85 2.60 -9.20
CA THR A 288 3.11 3.34 -9.19
C THR A 288 2.85 4.84 -9.17
N THR A 289 1.79 5.25 -9.87
CA THR A 289 1.39 6.65 -9.88
C THR A 289 0.95 7.11 -8.50
N ASP A 290 0.18 6.24 -7.83
CA ASP A 290 -0.29 6.51 -6.47
C ASP A 290 0.88 6.69 -5.49
N LEU A 291 1.79 5.72 -5.51
CA LEU A 291 2.95 5.74 -4.63
C LEU A 291 3.84 6.96 -4.89
N ARG A 292 3.96 7.32 -6.17
CA ARG A 292 4.77 8.46 -6.56
C ARG A 292 4.19 9.77 -6.01
N ILE A 293 2.88 9.95 -6.18
CA ILE A 293 2.19 11.14 -5.67
C ILE A 293 2.34 11.25 -4.16
N ARG A 294 2.07 10.16 -3.45
CA ARG A 294 2.17 10.14 -2.00
C ARG A 294 3.60 10.41 -1.53
N ALA A 295 4.57 9.78 -2.19
CA ALA A 295 5.98 9.96 -1.83
C ALA A 295 6.47 11.38 -2.11
N ARG A 296 5.93 12.01 -3.16
CA ARG A 296 6.29 13.38 -3.48
C ARG A 296 5.88 14.34 -2.36
N LYS A 297 4.60 14.32 -2.02
CA LYS A 297 4.06 15.23 -1.02
C LYS A 297 4.65 14.94 0.36
N LEU A 298 4.83 13.65 0.66
CA LEU A 298 5.40 13.25 1.94
C LEU A 298 6.83 13.75 2.04
N ARG A 299 7.51 13.82 0.90
CA ARG A 299 8.86 14.37 0.82
C ARG A 299 8.86 15.89 1.01
N LYS A 300 7.82 16.56 0.52
CA LYS A 300 7.74 18.01 0.62
C LYS A 300 7.30 18.47 2.01
N GLU A 301 6.22 17.90 2.51
CA GLU A 301 5.65 18.31 3.79
C GLU A 301 6.57 17.93 4.95
N LYS A 302 6.87 16.64 5.01
CA LYS A 302 7.78 16.10 6.00
C LYS A 302 9.08 15.89 5.26
N GLU A 303 10.23 16.02 5.93
CA GLU A 303 11.45 15.80 5.18
C GLU A 303 11.99 14.41 5.47
N VAL A 304 11.69 13.48 4.57
CA VAL A 304 12.10 12.09 4.74
C VAL A 304 13.33 11.75 3.90
N GLU A 305 14.33 11.16 4.56
CA GLU A 305 15.56 10.82 3.87
C GLU A 305 15.60 9.35 3.45
N PHE A 306 14.56 8.60 3.79
CA PHE A 306 14.51 7.18 3.46
C PHE A 306 13.07 6.74 3.22
N VAL A 307 12.87 5.89 2.20
CA VAL A 307 11.54 5.37 1.89
C VAL A 307 11.58 3.87 1.61
N ALA A 308 10.71 3.11 2.28
CA ALA A 308 10.65 1.67 2.08
C ALA A 308 9.30 1.22 1.54
N VAL A 309 9.34 0.31 0.56
CA VAL A 309 8.12 -0.23 -0.01
C VAL A 309 8.04 -1.74 0.20
N ASP A 310 7.03 -2.19 0.94
CA ASP A 310 6.88 -3.61 1.25
C ASP A 310 5.49 -4.13 0.89
N TYR A 311 5.41 -4.98 -0.13
CA TYR A 311 6.57 -5.28 -0.97
C TYR A 311 6.28 -5.07 -2.47
N LEU A 312 7.25 -5.37 -3.31
CA LEU A 312 7.20 -5.00 -4.72
C LEU A 312 6.08 -5.60 -5.54
N GLN A 313 5.85 -6.89 -5.38
CA GLN A 313 4.84 -7.61 -6.17
C GLN A 313 3.41 -7.12 -5.92
N LEU A 314 3.18 -6.51 -4.77
CA LEU A 314 1.87 -5.99 -4.41
C LEU A 314 1.52 -4.70 -5.17
N LEU A 315 2.55 -4.00 -5.65
CA LEU A 315 2.38 -2.81 -6.47
C LEU A 315 1.88 -3.20 -7.87
N ARG A 316 1.18 -2.29 -8.53
CA ARG A 316 0.67 -2.55 -9.87
C ARG A 316 0.84 -1.33 -10.78
N PRO A 317 1.03 -1.58 -12.09
CA PRO A 317 1.18 -0.47 -13.04
C PRO A 317 -0.16 0.21 -13.30
N PRO A 318 -0.14 1.48 -13.75
CA PRO A 318 -1.38 2.21 -14.05
C PRO A 318 -2.20 1.50 -15.10
N VAL A 319 -1.54 0.85 -16.05
CA VAL A 319 -2.22 0.03 -17.05
C VAL A 319 -1.70 -1.41 -17.00
N ARG A 320 -2.58 -2.34 -16.69
CA ARG A 320 -2.20 -3.75 -16.57
C ARG A 320 -1.91 -4.39 -17.93
N LYS A 321 -0.91 -5.26 -17.96
CA LYS A 321 -0.54 -5.93 -19.21
C LYS A 321 -0.84 -7.41 -18.99
N SER A 322 -0.76 -8.20 -20.06
CA SER A 322 -1.04 -9.63 -19.94
C SER A 322 0.11 -10.47 -19.35
N PRO A 323 1.36 -10.26 -19.82
CA PRO A 323 2.44 -11.01 -19.17
C PRO A 323 2.76 -10.36 -17.83
N ARG A 324 3.07 -11.18 -16.83
CA ARG A 324 3.38 -10.68 -15.50
C ARG A 324 4.70 -9.90 -15.50
N GLN A 325 5.74 -10.51 -16.07
CA GLN A 325 7.10 -9.95 -16.06
C GLN A 325 7.18 -8.49 -16.53
N GLU A 326 6.40 -8.12 -17.54
CA GLU A 326 6.42 -6.75 -18.03
C GLU A 326 5.89 -5.78 -16.97
N GLU A 327 4.87 -6.20 -16.24
CA GLU A 327 4.33 -5.37 -15.16
C GLU A 327 5.35 -5.18 -14.06
N VAL A 328 5.98 -6.25 -13.61
CA VAL A 328 6.99 -6.10 -12.60
C VAL A 328 8.08 -5.19 -13.14
N ALA A 329 8.67 -5.58 -14.25
CA ALA A 329 9.81 -4.83 -14.78
C ALA A 329 9.50 -3.33 -14.85
N GLU A 330 8.26 -3.02 -15.23
CA GLU A 330 7.79 -1.64 -15.27
C GLU A 330 7.77 -0.99 -13.89
N VAL A 331 7.22 -1.69 -12.91
CA VAL A 331 7.19 -1.21 -11.53
C VAL A 331 8.60 -0.97 -11.03
N SER A 332 9.49 -1.89 -11.30
CA SER A 332 10.86 -1.70 -10.90
C SER A 332 11.37 -0.40 -11.51
N ARG A 333 11.17 -0.25 -12.81
CA ARG A 333 11.76 0.87 -13.53
C ARG A 333 11.25 2.17 -12.94
N ASN A 334 9.97 2.22 -12.59
CA ASN A 334 9.41 3.41 -11.96
C ASN A 334 10.03 3.70 -10.59
N LEU A 335 10.26 2.64 -9.81
CA LEU A 335 10.79 2.80 -8.45
C LEU A 335 12.17 3.43 -8.48
N LYS A 336 13.01 2.99 -9.41
CA LYS A 336 14.33 3.58 -9.59
C LYS A 336 14.20 5.03 -10.01
N ALA A 337 13.24 5.32 -10.89
CA ALA A 337 13.00 6.66 -11.36
C ALA A 337 12.57 7.57 -10.21
N LEU A 338 11.78 7.02 -9.30
CA LEU A 338 11.32 7.75 -8.12
C LEU A 338 12.48 8.04 -7.19
N ALA A 339 13.32 7.04 -6.94
CA ALA A 339 14.48 7.19 -6.07
C ALA A 339 15.38 8.33 -6.55
N LYS A 340 15.66 8.37 -7.83
CA LYS A 340 16.43 9.46 -8.36
C LYS A 340 15.69 10.74 -8.12
N GLU A 341 14.46 10.81 -8.54
CA GLU A 341 13.69 12.04 -8.45
C GLU A 341 13.69 12.64 -7.04
N LEU A 342 13.41 11.80 -6.05
CA LEU A 342 13.31 12.24 -4.66
C LEU A 342 14.68 12.54 -4.06
N ARG A 343 15.73 12.10 -4.74
CA ARG A 343 17.11 12.28 -4.28
C ARG A 343 17.31 11.66 -2.89
N ILE A 344 16.67 10.52 -2.67
CA ILE A 344 16.82 9.76 -1.43
C ILE A 344 16.88 8.27 -1.77
N PRO A 345 17.49 7.47 -0.88
CA PRO A 345 17.49 6.02 -1.13
C PRO A 345 16.10 5.41 -0.98
N VAL A 346 15.72 4.56 -1.92
CA VAL A 346 14.44 3.86 -1.86
C VAL A 346 14.67 2.35 -1.83
N MET A 347 14.08 1.70 -0.83
CA MET A 347 14.26 0.27 -0.64
C MET A 347 12.97 -0.50 -0.87
N ALA A 348 12.99 -1.39 -1.86
CA ALA A 348 11.83 -2.20 -2.19
C ALA A 348 12.06 -3.66 -1.83
N LEU A 349 11.06 -4.27 -1.20
CA LEU A 349 11.15 -5.67 -0.81
C LEU A 349 10.53 -6.56 -1.89
N ALA A 350 11.13 -7.72 -2.11
CA ALA A 350 10.64 -8.64 -3.13
C ALA A 350 10.59 -10.08 -2.63
N GLN A 351 9.63 -10.85 -3.14
CA GLN A 351 9.47 -12.24 -2.72
C GLN A 351 10.00 -13.22 -3.78
N LEU A 352 10.54 -14.34 -3.32
CA LEU A 352 11.14 -15.33 -4.21
C LEU A 352 10.24 -16.55 -4.38
N SER A 353 10.19 -17.07 -5.60
CA SER A 353 9.36 -18.21 -5.95
C SER A 353 9.92 -19.53 -5.39
N ARG A 354 9.06 -20.55 -5.42
CA ARG A 354 9.36 -21.89 -4.92
C ARG A 354 10.69 -22.55 -5.31
N GLU A 355 11.15 -22.30 -6.54
CA GLU A 355 12.34 -22.98 -7.07
C GLU A 355 13.64 -22.68 -6.32
N VAL A 356 13.57 -21.74 -5.38
CA VAL A 356 14.72 -21.37 -4.57
C VAL A 356 15.06 -22.57 -3.68
N GLU A 357 14.04 -23.19 -3.11
CA GLU A 357 14.23 -24.27 -2.16
C GLU A 357 14.25 -25.66 -2.81
N LYS A 358 14.14 -25.69 -4.13
CA LYS A 358 14.21 -26.96 -4.86
C LYS A 358 15.65 -27.30 -5.23
N ARG A 359 16.57 -26.39 -4.92
CA ARG A 359 17.98 -26.60 -5.19
C ARG A 359 18.71 -27.00 -3.91
N SER A 360 19.72 -27.86 -4.04
CA SER A 360 20.39 -28.44 -2.88
C SER A 360 21.10 -27.42 -1.99
N ASP A 361 21.36 -26.23 -2.53
CA ASP A 361 22.06 -25.20 -1.78
C ASP A 361 21.12 -24.49 -0.81
N LYS A 362 19.83 -24.47 -1.15
CA LYS A 362 18.79 -23.79 -0.38
C LYS A 362 18.96 -22.30 -0.05
N ARG A 363 19.97 -21.65 -0.61
CA ARG A 363 20.07 -20.20 -0.48
C ARG A 363 19.72 -19.50 -1.78
N PRO A 364 19.38 -18.22 -1.73
CA PRO A 364 18.94 -17.50 -2.94
C PRO A 364 20.07 -17.21 -3.94
N GLN A 365 19.71 -17.05 -5.21
CA GLN A 365 20.67 -16.69 -6.24
C GLN A 365 20.07 -15.65 -7.16
N LEU A 366 20.90 -15.05 -8.01
CA LEU A 366 20.45 -13.99 -8.90
C LEU A 366 19.35 -14.49 -9.85
N ALA A 367 19.50 -15.73 -10.30
CA ALA A 367 18.54 -16.36 -11.19
C ALA A 367 17.14 -16.43 -10.59
N ASP A 368 17.07 -16.65 -9.29
CA ASP A 368 15.79 -16.72 -8.58
C ASP A 368 15.02 -15.40 -8.67
N LEU A 369 15.75 -14.29 -8.64
CA LEU A 369 15.15 -12.97 -8.77
C LEU A 369 14.73 -12.72 -10.22
N ARG A 370 15.48 -13.25 -11.17
CA ARG A 370 15.14 -13.01 -12.57
C ARG A 370 13.77 -13.57 -12.83
N GLU A 371 13.47 -14.72 -12.27
CA GLU A 371 12.16 -15.32 -12.51
C GLU A 371 11.01 -14.34 -12.38
N SER A 372 11.24 -13.26 -11.66
CA SER A 372 10.18 -12.29 -11.47
C SER A 372 10.17 -11.20 -12.52
N GLY A 373 11.25 -11.05 -13.27
CA GLY A 373 11.27 -10.09 -14.35
C GLY A 373 12.67 -9.54 -14.53
N GLN A 374 12.83 -8.59 -15.44
CA GLN A 374 14.11 -7.91 -15.59
C GLN A 374 14.26 -6.78 -14.56
N ILE A 375 13.94 -7.11 -13.31
CA ILE A 375 14.10 -6.17 -12.19
C ILE A 375 15.54 -5.78 -11.94
N GLU A 376 16.48 -6.65 -12.15
CA GLU A 376 17.82 -6.37 -11.68
C GLU A 376 18.51 -5.29 -12.38
N GLN A 377 18.12 -5.07 -13.63
CA GLN A 377 18.90 -4.17 -14.48
C GLN A 377 19.18 -2.84 -13.80
N ASP A 378 18.21 -2.28 -13.09
CA ASP A 378 18.49 -1.05 -12.36
C ASP A 378 18.03 -1.07 -10.90
N ALA A 379 18.77 -1.83 -10.10
CA ALA A 379 18.68 -1.81 -8.65
C ALA A 379 20.11 -1.65 -8.22
N ASP A 380 20.42 -0.59 -7.48
CA ASP A 380 21.82 -0.25 -7.24
C ASP A 380 22.45 -1.12 -6.17
N LEU A 381 21.63 -1.76 -5.34
CA LEU A 381 22.15 -2.83 -4.50
C LEU A 381 21.13 -3.94 -4.24
N ILE A 382 21.58 -5.19 -4.25
CA ILE A 382 20.68 -6.32 -4.06
C ILE A 382 21.05 -7.19 -2.88
N LEU A 383 20.13 -7.29 -1.92
CA LEU A 383 20.36 -8.04 -0.69
C LEU A 383 19.43 -9.24 -0.59
N PHE A 384 20.00 -10.39 -0.24
CA PHE A 384 19.21 -11.58 0.03
C PHE A 384 19.23 -11.93 1.51
N LEU A 385 18.15 -12.54 1.99
CA LEU A 385 18.10 -13.04 3.36
C LEU A 385 17.93 -14.56 3.34
N HIS A 386 18.70 -15.23 4.19
CA HIS A 386 18.64 -16.69 4.27
C HIS A 386 18.72 -17.22 5.71
N ARG A 387 17.78 -18.12 6.01
CA ARG A 387 17.70 -18.90 7.27
C ARG A 387 17.71 -20.46 7.16
N PRO A 388 18.92 -20.99 7.17
CA PRO A 388 19.11 -22.42 7.04
C PRO A 388 18.24 -23.05 8.09
N GLU A 389 18.18 -22.39 9.23
CA GLU A 389 17.45 -22.91 10.36
C GLU A 389 16.00 -23.06 9.93
N TYR A 390 15.53 -22.12 9.11
CA TYR A 390 14.13 -22.14 8.75
C TYR A 390 13.81 -23.56 8.33
N TYR A 391 14.75 -24.18 7.65
CA TYR A 391 14.53 -25.49 7.06
C TYR A 391 14.27 -26.65 8.03
N THR A 392 14.98 -26.69 9.15
CA THR A 392 14.70 -27.71 10.16
C THR A 392 15.26 -27.40 11.53
N LYS A 393 14.87 -28.21 12.51
CA LYS A 393 15.38 -28.08 13.88
C LYS A 393 16.88 -28.32 14.02
N LYS A 394 17.39 -29.28 13.27
CA LYS A 394 18.60 -30.01 13.61
C LYS A 394 19.91 -29.23 13.77
N PRO A 395 20.26 -28.33 12.87
CA PRO A 395 21.60 -27.71 12.95
C PRO A 395 21.89 -27.12 14.33
N ASN A 396 22.90 -27.65 15.02
CA ASN A 396 23.26 -27.16 16.35
C ASN A 396 23.69 -25.70 16.25
N GLU A 399 24.09 -23.71 11.87
CA GLU A 399 23.62 -23.35 13.20
C GLU A 399 22.27 -22.65 13.16
N GLN A 400 21.64 -22.51 14.32
CA GLN A 400 20.36 -21.82 14.43
C GLN A 400 20.42 -20.52 15.21
N GLY A 401 19.36 -19.73 15.11
CA GLY A 401 19.34 -18.42 15.74
C GLY A 401 20.16 -17.42 14.98
N ILE A 402 20.70 -17.85 13.85
CA ILE A 402 21.47 -16.97 12.99
C ILE A 402 20.84 -16.84 11.62
N ALA A 403 21.02 -15.67 11.01
CA ALA A 403 20.53 -15.41 9.67
C ALA A 403 21.64 -14.76 8.86
N GLU A 404 21.69 -15.07 7.57
CA GLU A 404 22.75 -14.54 6.71
C GLU A 404 22.21 -13.59 5.64
N VAL A 405 22.92 -12.48 5.46
CA VAL A 405 22.56 -11.47 4.47
C VAL A 405 23.55 -11.49 3.32
N ILE A 406 23.08 -11.90 2.15
CA ILE A 406 23.95 -12.01 0.99
C ILE A 406 23.94 -10.78 0.09
N ILE A 407 25.10 -10.39 -0.39
CA ILE A 407 25.21 -9.17 -1.14
C ILE A 407 25.43 -9.44 -2.62
N ALA A 408 24.36 -9.83 -3.28
CA ALA A 408 24.43 -10.24 -4.67
C ALA A 408 24.87 -9.16 -5.62
N LYS A 409 24.36 -7.94 -5.48
CA LYS A 409 24.80 -6.87 -6.35
C LYS A 409 25.33 -5.68 -5.62
N GLN A 410 26.57 -5.28 -5.94
CA GLN A 410 27.16 -4.02 -5.47
C GLN A 410 27.81 -3.24 -6.63
N ARG A 411 27.81 -1.91 -6.53
CA ARG A 411 28.38 -1.09 -7.59
C ARG A 411 29.82 -0.90 -7.17
N GLN A 412 30.00 -0.66 -5.87
CA GLN A 412 31.32 -0.52 -5.23
C GLN A 412 32.29 -1.72 -5.13
N GLY A 413 31.79 -2.91 -4.80
CA GLY A 413 32.67 -4.02 -4.46
C GLY A 413 32.23 -5.42 -4.81
N PRO A 414 33.04 -6.41 -4.47
CA PRO A 414 32.78 -7.78 -4.92
C PRO A 414 31.63 -8.41 -4.13
N THR A 415 31.10 -9.52 -4.63
CA THR A 415 30.07 -10.26 -3.93
C THR A 415 30.57 -10.74 -2.57
N ASP A 416 29.75 -10.54 -1.53
CA ASP A 416 30.15 -10.90 -0.18
C ASP A 416 28.95 -11.32 0.67
N ILE A 417 29.22 -11.97 1.79
CA ILE A 417 28.16 -12.44 2.68
C ILE A 417 28.36 -11.96 4.12
N VAL A 418 27.28 -11.53 4.76
CA VAL A 418 27.34 -11.02 6.13
C VAL A 418 26.41 -11.80 7.06
N LYS A 419 26.97 -12.39 8.11
CA LYS A 419 26.16 -13.10 9.10
C LYS A 419 25.70 -12.22 10.24
N LEU A 420 24.40 -12.27 10.55
CA LEU A 420 23.84 -11.57 11.70
C LEU A 420 22.90 -12.41 12.56
N ALA A 421 22.65 -11.96 13.78
CA ALA A 421 21.81 -12.71 14.72
C ALA A 421 20.35 -12.38 14.43
N PHE A 422 19.49 -13.38 14.56
CA PHE A 422 18.05 -13.19 14.43
C PHE A 422 17.28 -13.94 15.51
N ILE A 423 16.48 -13.20 16.28
CA ILE A 423 15.67 -13.82 17.33
C ILE A 423 14.23 -13.99 16.84
N LYS A 424 13.82 -15.24 16.64
CA LYS A 424 12.50 -15.57 16.12
C LYS A 424 11.40 -15.03 17.04
N GLU A 425 11.60 -15.16 18.34
CA GLU A 425 10.60 -14.75 19.32
C GLU A 425 10.16 -13.31 19.12
N TYR A 426 11.10 -12.38 19.29
CA TYR A 426 10.81 -10.96 19.19
C TYR A 426 10.83 -10.42 17.76
N THR A 427 11.18 -11.31 16.82
CA THR A 427 11.29 -10.93 15.42
C THR A 427 12.25 -9.76 15.28
N LYS A 428 13.43 -9.88 15.87
CA LYS A 428 14.39 -8.78 15.84
C LYS A 428 15.76 -9.24 15.32
N PHE A 429 16.33 -8.42 14.44
CA PHE A 429 17.68 -8.65 13.95
C PHE A 429 18.66 -7.88 14.83
N ALA A 430 19.81 -8.47 15.11
CA ALA A 430 20.82 -7.84 15.95
C ALA A 430 22.23 -8.21 15.51
N ASN A 431 23.19 -7.34 15.79
CA ASN A 431 24.58 -7.61 15.46
C ASN A 431 25.20 -8.71 16.30
N LEU A 432 25.89 -9.63 15.63
CA LEU A 432 26.58 -10.73 16.30
C LEU A 432 27.90 -10.22 16.89
N GLU A 433 28.61 -11.09 17.62
CA GLU A 433 29.90 -10.73 18.18
C GLU A 433 30.91 -11.87 17.99
N PRO B 2 -9.93 27.63 1.18
CA PRO B 2 -11.06 28.02 2.04
C PRO B 2 -10.11 27.58 3.14
N CYS B 3 -9.48 28.54 3.81
CA CYS B 3 -9.02 28.67 5.19
C CYS B 3 -8.83 30.13 5.56
N ASP B 4 -8.80 30.40 6.86
CA ASP B 4 -8.61 31.76 7.35
C ASP B 4 -7.27 31.89 8.06
N GLU B 5 -6.48 32.87 7.63
CA GLU B 5 -5.19 33.13 8.25
C GLU B 5 -5.40 33.61 9.67
N SER B 6 -6.21 34.65 9.81
CA SER B 6 -6.55 35.18 11.12
C SER B 6 -7.23 34.31 12.15
N ALA B 7 -8.24 33.56 11.72
CA ALA B 7 -8.91 32.62 12.61
C ALA B 7 -8.03 31.56 13.23
N GLU B 8 -7.16 30.95 12.42
CA GLU B 8 -6.18 29.99 12.91
C GLU B 8 -4.96 30.70 13.49
N ARG B 9 -4.71 31.91 13.02
CA ARG B 9 -3.52 32.69 13.36
C ARG B 9 -3.69 32.96 14.86
N ALA B 10 -4.93 33.24 15.26
CA ALA B 10 -5.25 33.42 16.67
C ALA B 10 -5.02 32.18 17.53
N VAL B 11 -5.10 31.01 16.89
CA VAL B 11 -4.81 29.74 17.57
C VAL B 11 -3.33 29.67 17.93
N LEU B 12 -2.48 30.18 17.04
CA LEU B 12 -1.04 30.17 17.25
C LEU B 12 -0.66 31.17 18.34
N GLY B 13 -1.25 32.36 18.27
CA GLY B 13 -1.05 33.38 19.28
C GLY B 13 -1.42 32.89 20.67
N SER B 14 -2.59 32.25 20.77
CA SER B 14 -3.08 31.71 22.04
C SER B 14 -2.18 30.60 22.57
N MET B 15 -1.45 29.95 21.67
CA MET B 15 -0.53 28.89 22.06
C MET B 15 0.74 29.52 22.61
N LEU B 16 1.12 30.65 22.04
CA LEU B 16 2.29 31.39 22.49
C LEU B 16 2.08 31.92 23.91
N GLU B 17 0.90 32.45 24.16
CA GLU B 17 0.60 33.05 25.45
C GLU B 17 0.57 32.05 26.59
N ASP B 18 -0.19 30.98 26.43
CA ASP B 18 -0.27 29.96 27.48
C ASP B 18 0.09 28.59 26.92
N PRO B 19 0.94 27.85 27.65
CA PRO B 19 1.31 26.48 27.27
C PRO B 19 0.26 25.42 27.59
N GLU B 20 -0.77 25.80 28.35
CA GLU B 20 -1.93 24.96 28.60
C GLU B 20 -2.95 25.07 27.48
N ASN B 21 -2.79 26.07 26.62
CA ASN B 21 -3.65 26.20 25.45
C ASN B 21 -3.35 25.19 24.35
N ILE B 22 -2.08 24.83 24.21
CA ILE B 22 -1.65 23.92 23.16
C ILE B 22 -2.21 22.48 23.21
N PRO B 23 -2.40 21.90 24.42
CA PRO B 23 -3.00 20.56 24.35
C PRO B 23 -4.46 20.64 23.92
N LEU B 24 -5.12 21.76 24.21
CA LEU B 24 -6.51 21.94 23.82
C LEU B 24 -6.68 21.97 22.30
N VAL B 25 -5.79 22.68 21.62
CA VAL B 25 -5.84 22.75 20.16
C VAL B 25 -5.36 21.44 19.55
N LEU B 26 -4.40 20.78 20.21
CA LEU B 26 -3.84 19.53 19.71
C LEU B 26 -4.89 18.42 19.73
N GLU B 27 -5.80 18.50 20.70
CA GLU B 27 -6.91 17.58 20.79
C GLU B 27 -7.87 17.76 19.62
N TYR B 28 -8.14 19.01 19.26
CA TYR B 28 -9.07 19.33 18.18
C TYR B 28 -8.46 19.18 16.78
N LEU B 29 -7.26 19.72 16.60
CA LEU B 29 -6.64 19.78 15.27
C LEU B 29 -5.16 19.35 15.25
N LYS B 30 -4.64 19.16 14.05
CA LYS B 30 -3.23 18.79 13.86
C LYS B 30 -2.56 19.72 12.84
N GLU B 31 -1.26 19.52 12.64
CA GLU B 31 -0.44 20.37 11.76
C GLU B 31 -0.96 20.47 10.32
N GLU B 32 -1.50 19.38 9.78
CA GLU B 32 -1.94 19.33 8.39
C GLU B 32 -3.05 20.32 8.05
N ASP B 33 -3.86 20.67 9.05
CA ASP B 33 -5.03 21.52 8.85
C ASP B 33 -4.71 22.99 8.51
N PHE B 34 -3.47 23.40 8.74
CA PHE B 34 -3.06 24.78 8.48
C PHE B 34 -2.71 25.03 7.02
N CYS B 35 -3.27 26.11 6.47
CA CYS B 35 -3.06 26.47 5.07
C CYS B 35 -1.64 26.95 4.78
N ILE B 36 -1.01 27.62 5.74
CA ILE B 36 0.31 28.21 5.52
C ILE B 36 1.48 27.46 6.12
N ASP B 37 2.55 27.33 5.33
CA ASP B 37 3.75 26.61 5.75
C ASP B 37 4.31 27.19 7.04
N GLU B 38 4.30 28.52 7.13
CA GLU B 38 4.79 29.22 8.31
C GLU B 38 4.02 28.86 9.58
N HIS B 39 2.70 28.74 9.45
CA HIS B 39 1.85 28.35 10.56
C HIS B 39 2.07 26.88 10.95
N LYS B 40 2.17 26.01 9.94
CA LYS B 40 2.39 24.59 10.18
C LYS B 40 3.71 24.35 10.89
N LEU B 41 4.74 25.07 10.46
CA LEU B 41 6.06 24.97 11.04
C LEU B 41 6.12 25.44 12.48
N LEU B 42 5.48 26.57 12.75
CA LEU B 42 5.40 27.11 14.10
C LEU B 42 4.54 26.18 14.97
N PHE B 43 3.52 25.58 14.34
CA PHE B 43 2.67 24.63 15.04
C PHE B 43 3.49 23.39 15.39
N ARG B 44 4.35 22.99 14.46
CA ARG B 44 5.19 21.81 14.64
C ARG B 44 6.14 21.99 15.82
N VAL B 45 6.88 23.08 15.80
CA VAL B 45 7.86 23.37 16.84
C VAL B 45 7.21 23.57 18.21
N LEU B 46 5.99 24.11 18.21
CA LEU B 46 5.27 24.33 19.46
C LEU B 46 4.79 23.01 20.08
N THR B 47 4.34 22.11 19.22
CA THR B 47 3.91 20.78 19.66
C THR B 47 5.08 19.97 20.20
N ASN B 48 6.20 20.05 19.49
CA ASN B 48 7.43 19.37 19.88
C ASN B 48 8.09 20.05 21.07
N LEU B 49 7.71 21.30 21.34
CA LEU B 49 8.23 22.05 22.47
C LEU B 49 7.78 21.44 23.79
N TRP B 50 6.60 20.83 23.78
CA TRP B 50 6.04 20.18 24.95
C TRP B 50 6.99 19.15 25.57
N SER B 51 7.53 18.26 24.74
CA SER B 51 8.48 17.25 25.20
C SER B 51 9.90 17.77 25.00
N GLU B 52 10.76 17.60 26.00
CA GLU B 52 12.15 18.05 25.95
C GLU B 52 12.32 19.56 25.73
N GLY B 54 10.97 21.83 27.68
CA GLY B 54 10.36 22.74 28.63
C GLY B 54 8.87 22.86 28.45
N ASN B 55 8.12 22.35 29.43
CA ASN B 55 6.68 22.54 29.48
C ASN B 55 6.11 23.96 29.51
N LYS B 56 6.71 24.83 30.32
CA LYS B 56 6.24 26.20 30.42
C LYS B 56 7.44 27.22 30.54
N LEU B 57 7.96 27.50 29.36
CA LEU B 57 8.87 28.62 29.12
C LEU B 57 8.08 29.18 27.96
N ASP B 58 7.70 30.45 27.97
CA ASP B 58 6.71 30.83 26.96
C ASP B 58 7.39 31.63 25.84
N PHE B 59 8.47 32.35 26.14
CA PHE B 59 9.24 32.97 25.05
C PHE B 59 10.72 32.67 24.77
N VAL B 60 11.41 32.06 25.72
CA VAL B 60 12.81 31.68 25.47
C VAL B 60 13.21 30.28 24.90
N LEU B 61 12.27 29.34 24.99
CA LEU B 61 12.37 28.10 24.20
C LEU B 61 12.01 28.32 22.71
N ILE B 62 11.15 29.29 22.46
CA ILE B 62 10.83 29.91 21.19
C ILE B 62 12.14 30.39 20.59
N LYS B 63 12.94 31.07 21.39
CA LYS B 63 14.26 31.51 20.96
C LYS B 63 15.21 30.32 20.86
N ASP B 64 15.05 29.38 21.77
CA ASP B 64 15.86 28.17 21.80
C ASP B 64 15.62 27.33 20.54
N HIS B 65 14.35 27.18 20.17
CA HIS B 65 13.99 26.48 18.94
C HIS B 65 14.54 27.20 17.71
N LEU B 66 14.59 28.53 17.78
CA LEU B 66 15.11 29.35 16.70
C LEU B 66 16.64 29.23 16.56
N GLU B 67 17.30 28.93 17.67
CA GLU B 67 18.75 28.77 17.67
C GLU B 67 19.20 27.53 16.88
N LYS B 68 18.53 26.41 17.12
CA LYS B 68 18.78 25.21 16.34
C LYS B 68 18.15 25.27 14.95
N LYS B 69 17.08 26.05 14.83
CA LYS B 69 16.41 26.22 13.54
C LYS B 69 16.74 27.59 12.92
N PRO B 76 11.34 34.28 12.29
CA PRO B 76 10.68 35.59 12.39
C PRO B 76 10.19 35.87 13.81
N ILE B 77 11.10 36.24 14.72
CA ILE B 77 10.74 36.45 16.12
C ILE B 77 9.88 37.70 16.31
N ASP B 78 10.12 38.73 15.49
CA ASP B 78 9.30 39.94 15.52
C ASP B 78 7.89 39.61 15.09
N TRP B 79 7.78 38.82 14.02
CA TRP B 79 6.49 38.40 13.48
C TRP B 79 5.65 37.61 14.48
N LEU B 80 6.26 36.65 15.19
CA LEU B 80 5.52 35.87 16.17
C LEU B 80 5.06 36.73 17.34
N GLU B 81 5.83 37.78 17.63
CA GLU B 81 5.49 38.71 18.69
C GLU B 81 4.24 39.49 18.28
N GLU B 82 4.12 39.76 16.98
CA GLU B 82 2.92 40.35 16.41
C GLU B 82 1.75 39.39 16.55
N LEU B 83 2.03 38.10 16.35
CA LEU B 83 1.03 37.06 16.56
C LEU B 83 0.64 36.96 18.04
N TYR B 84 1.62 37.17 18.92
CA TYR B 84 1.37 37.16 20.35
C TYR B 84 0.31 38.19 20.74
N GLU B 85 0.39 39.37 20.14
CA GLU B 85 -0.58 40.42 20.38
C GLU B 85 -1.99 39.98 19.99
N GLU B 86 -2.10 39.11 19.00
CA GLU B 86 -3.40 38.61 18.58
C GLU B 86 -3.69 37.27 19.25
N ALA B 87 -4.62 37.28 20.19
CA ALA B 87 -4.98 36.07 20.91
C ALA B 87 -6.38 36.27 21.45
N VAL B 88 -6.93 35.23 22.04
CA VAL B 88 -8.32 35.27 22.48
C VAL B 88 -8.57 34.33 23.65
N SER B 89 -9.70 34.53 24.31
CA SER B 89 -10.11 33.73 25.46
C SER B 89 -10.26 32.23 25.12
N PRO B 90 -10.06 31.36 26.12
CA PRO B 90 -10.14 29.90 25.94
C PRO B 90 -11.49 29.41 25.42
N ASP B 91 -12.57 30.11 25.76
CA ASP B 91 -13.90 29.74 25.27
C ASP B 91 -13.89 30.16 23.80
N THR B 92 -13.35 31.34 23.53
CA THR B 92 -13.15 31.80 22.13
C THR B 92 -12.41 30.77 21.18
N LEU B 93 -11.27 30.35 21.72
CA LEU B 93 -10.42 29.35 21.08
C LEU B 93 -10.97 28.00 20.60
N GLU B 94 -11.84 27.39 21.39
CA GLU B 94 -12.48 26.14 21.00
C GLU B 94 -13.32 26.34 19.74
N GLU B 95 -14.01 27.49 19.68
CA GLU B 95 -14.83 27.82 18.52
C GLU B 95 -14.01 28.01 17.25
N VAL B 96 -12.91 28.75 17.34
CA VAL B 96 -12.06 29.02 16.19
C VAL B 96 -11.30 27.77 15.75
N CYS B 97 -10.97 26.89 16.69
CA CYS B 97 -10.38 25.60 16.36
C CYS B 97 -11.34 24.76 15.51
N LYS B 98 -12.62 24.79 15.89
CA LYS B 98 -13.64 24.07 15.15
C LYS B 98 -13.76 24.56 13.71
N ILE B 99 -13.72 25.88 13.52
CA ILE B 99 -13.82 26.45 12.18
C ILE B 99 -12.58 26.17 11.32
N VAL B 100 -11.42 26.09 11.95
CA VAL B 100 -10.19 25.72 11.23
C VAL B 100 -10.30 24.31 10.69
N LYS B 101 -10.79 23.40 11.52
CA LYS B 101 -10.96 22.00 11.13
C LYS B 101 -11.96 21.80 10.00
N GLN B 102 -13.09 22.50 10.06
CA GLN B 102 -14.12 22.38 9.02
C GLN B 102 -13.70 22.90 7.64
N ARG B 103 -12.94 24.00 7.64
CA ARG B 103 -12.42 24.54 6.40
C ARG B 103 -11.43 23.54 5.82
N SER B 104 -10.72 22.86 6.71
CA SER B 104 -9.72 21.88 6.30
C SER B 104 -10.49 20.71 5.71
N ALA B 105 -11.52 20.27 6.43
CA ALA B 105 -12.43 19.23 5.95
C ALA B 105 -13.05 19.62 4.62
N GLN B 106 -13.35 20.90 4.45
CA GLN B 106 -13.88 21.41 3.19
C GLN B 106 -12.91 21.08 2.06
N ARG B 107 -11.66 21.51 2.22
CA ARG B 107 -10.64 21.26 1.22
C ARG B 107 -10.60 19.79 0.84
N ALA B 108 -10.61 18.91 1.84
CA ALA B 108 -10.60 17.48 1.58
C ALA B 108 -11.74 17.05 0.65
N ILE B 109 -12.93 17.60 0.88
CA ILE B 109 -14.09 17.30 0.06
C ILE B 109 -13.92 17.81 -1.37
N ILE B 110 -13.48 19.05 -1.51
CA ILE B 110 -13.27 19.65 -2.81
C ILE B 110 -12.24 18.84 -3.58
N GLN B 111 -11.18 18.44 -2.90
CA GLN B 111 -10.15 17.62 -3.51
C GLN B 111 -10.75 16.31 -4.02
N LEU B 112 -11.57 15.68 -3.18
CA LEU B 112 -12.30 14.47 -3.55
C LEU B 112 -13.18 14.69 -4.79
N GLY B 113 -13.83 15.85 -4.84
CA GLY B 113 -14.66 16.20 -5.97
C GLY B 113 -13.89 16.25 -7.28
N ILE B 114 -12.74 16.90 -7.25
CA ILE B 114 -11.85 16.98 -8.41
C ILE B 114 -11.42 15.58 -8.86
N GLU B 115 -10.95 14.77 -7.90
CA GLU B 115 -10.52 13.41 -8.16
C GLU B 115 -11.63 12.57 -8.79
N LEU B 116 -12.84 12.66 -8.23
CA LEU B 116 -13.99 11.94 -8.74
C LEU B 116 -14.31 12.30 -10.18
N ILE B 117 -14.16 13.58 -10.52
CA ILE B 117 -14.35 14.03 -11.90
C ILE B 117 -13.30 13.38 -12.81
N HIS B 118 -12.05 13.42 -12.37
CA HIS B 118 -10.95 12.77 -13.08
C HIS B 118 -11.21 11.29 -13.36
N LYS B 119 -11.66 10.56 -12.33
CA LYS B 119 -11.98 9.14 -12.46
C LYS B 119 -13.02 8.88 -13.54
N GLY B 120 -14.06 9.71 -13.58
CA GLY B 120 -15.07 9.61 -14.61
C GLY B 120 -14.48 9.85 -15.99
N LYS B 121 -13.57 10.83 -16.04
CA LYS B 121 -12.89 11.20 -17.28
C LYS B 121 -11.98 10.11 -17.82
N GLU B 122 -11.49 9.22 -16.95
CA GLU B 122 -10.57 8.19 -17.40
C GLU B 122 -11.29 7.12 -18.21
N ASN B 123 -10.53 6.19 -18.78
CA ASN B 123 -11.14 5.11 -19.55
C ASN B 123 -10.87 3.76 -18.89
N LYS B 124 -11.91 3.21 -18.28
CA LYS B 124 -11.86 1.91 -17.63
C LYS B 124 -13.25 1.30 -17.69
N ASP B 125 -13.34 0.00 -17.43
CA ASP B 125 -14.64 -0.63 -17.26
C ASP B 125 -15.35 0.12 -16.15
N PHE B 126 -16.63 0.42 -16.34
CA PHE B 126 -17.37 1.24 -15.36
C PHE B 126 -17.37 0.61 -13.97
N HIS B 127 -17.39 -0.71 -13.89
CA HIS B 127 -17.27 -1.39 -12.60
C HIS B 127 -15.99 -0.97 -11.89
N THR B 128 -14.91 -0.89 -12.67
CA THR B 128 -13.61 -0.47 -12.13
C THR B 128 -13.70 0.96 -11.61
N LEU B 129 -14.30 1.83 -12.42
CA LEU B 129 -14.47 3.23 -12.05
C LEU B 129 -15.27 3.35 -10.77
N ILE B 130 -16.32 2.56 -10.64
CA ILE B 130 -17.16 2.57 -9.44
C ILE B 130 -16.39 2.03 -8.24
N GLU B 131 -15.57 1.00 -8.49
CA GLU B 131 -14.76 0.41 -7.44
C GLU B 131 -13.69 1.35 -6.92
N GLU B 132 -12.99 1.99 -7.84
CA GLU B 132 -11.95 2.96 -7.50
C GLU B 132 -12.55 4.21 -6.86
N ALA B 133 -13.74 4.62 -7.33
CA ALA B 133 -14.43 5.76 -6.74
C ALA B 133 -14.84 5.50 -5.29
N GLN B 134 -15.32 4.29 -5.02
CA GLN B 134 -15.70 3.91 -3.65
C GLN B 134 -14.53 3.94 -2.69
N SER B 135 -13.38 3.44 -3.15
CA SER B 135 -12.19 3.35 -2.31
C SER B 135 -11.72 4.72 -1.85
N ARG B 136 -11.73 5.69 -2.77
CA ARG B 136 -11.31 7.04 -2.46
C ARG B 136 -12.30 7.75 -1.55
N ILE B 137 -13.59 7.53 -1.80
CA ILE B 137 -14.63 8.14 -0.97
C ILE B 137 -14.60 7.59 0.44
N PHE B 138 -14.39 6.29 0.58
CA PHE B 138 -14.29 5.66 1.91
C PHE B 138 -13.05 6.07 2.69
N SER B 139 -11.91 6.17 2.01
CA SER B 139 -10.67 6.54 2.68
C SER B 139 -10.70 7.96 3.20
N ILE B 140 -11.21 8.89 2.39
CA ILE B 140 -11.34 10.28 2.79
C ILE B 140 -12.38 10.45 3.90
N ALA B 141 -13.46 9.67 3.83
CA ALA B 141 -14.49 9.71 4.86
C ALA B 141 -13.90 9.27 6.21
N GLU B 142 -13.07 8.25 6.18
CA GLU B 142 -12.42 7.74 7.38
C GLU B 142 -11.35 8.69 7.92
N SER B 143 -10.46 9.11 7.03
CA SER B 143 -9.34 9.98 7.39
C SER B 143 -9.71 11.43 7.66
N ALA B 144 -10.74 11.92 6.95
CA ALA B 144 -11.08 13.36 6.92
C ALA B 144 -9.99 14.20 6.24
N THR B 145 -8.89 13.56 5.87
CA THR B 145 -7.79 14.20 5.17
C THR B 145 -7.47 13.39 3.92
N SER B 146 -7.08 14.09 2.86
CA SER B 146 -6.71 13.44 1.59
C SER B 146 -5.54 12.48 1.77
N THR B 147 -4.57 12.87 2.59
CA THR B 147 -3.37 12.07 2.83
C THR B 147 -3.60 10.88 3.75
N GLN B 148 -3.00 9.74 3.39
CA GLN B 148 -3.16 8.50 4.14
C GLN B 148 -2.01 8.11 5.05
N PHE B 149 -0.96 8.93 5.15
CA PHE B 149 0.15 8.55 6.03
C PHE B 149 -0.16 8.89 7.49
N TYR B 150 0.31 8.05 8.39
CA TYR B 150 0.10 8.25 9.81
C TYR B 150 1.43 8.26 10.54
N HIS B 151 1.60 9.19 11.47
CA HIS B 151 2.79 9.23 12.29
C HIS B 151 2.66 8.10 13.31
N VAL B 152 3.79 7.50 13.70
CA VAL B 152 3.76 6.33 14.57
C VAL B 152 3.26 6.61 15.98
N LYS B 153 3.29 7.87 16.39
CA LYS B 153 2.85 8.23 17.73
C LYS B 153 1.37 7.90 17.84
N ASP B 154 0.61 8.34 16.84
CA ASP B 154 -0.83 8.09 16.80
C ASP B 154 -1.14 6.60 16.69
N VAL B 155 -0.37 5.88 15.87
CA VAL B 155 -0.58 4.44 15.72
C VAL B 155 -0.19 3.68 16.98
N ALA B 156 0.90 4.10 17.63
CA ALA B 156 1.38 3.43 18.83
C ALA B 156 0.36 3.49 19.98
N GLU B 157 -0.23 4.66 20.18
CA GLU B 157 -1.23 4.81 21.23
C GLU B 157 -2.44 3.92 20.97
N GLU B 158 -2.90 3.88 19.73
CA GLU B 158 -4.03 3.04 19.35
C GLU B 158 -3.68 1.56 19.56
N VAL B 159 -2.45 1.20 19.23
CA VAL B 159 -1.97 -0.16 19.46
C VAL B 159 -1.99 -0.51 20.94
N ILE B 160 -1.52 0.42 21.77
CA ILE B 160 -1.52 0.20 23.22
C ILE B 160 -2.92 -0.02 23.77
N GLU B 161 -3.87 0.78 23.32
CA GLU B 161 -5.27 0.63 23.73
C GLU B 161 -5.79 -0.75 23.33
N LEU B 162 -5.38 -1.19 22.15
CA LEU B 162 -5.74 -2.51 21.65
C LEU B 162 -5.15 -3.61 22.53
N ILE B 163 -3.91 -3.38 22.98
CA ILE B 163 -3.23 -4.34 23.86
C ILE B 163 -3.95 -4.46 25.20
N TYR B 164 -4.44 -3.34 25.72
CA TYR B 164 -5.27 -3.33 26.91
C TYR B 164 -6.47 -4.25 26.73
N LYS B 165 -7.16 -4.08 25.60
CA LYS B 165 -8.35 -4.86 25.29
C LYS B 165 -8.05 -6.35 25.15
N PHE B 166 -6.87 -6.69 24.65
CA PHE B 166 -6.48 -8.09 24.51
C PHE B 166 -6.25 -8.71 25.88
N LYS B 167 -5.56 -7.96 26.73
CA LYS B 167 -5.25 -8.38 28.11
C LYS B 167 -6.49 -8.58 28.97
N SER B 168 -7.45 -7.66 28.83
CA SER B 168 -8.62 -7.65 29.71
C SER B 168 -9.71 -8.60 29.24
N SER B 169 -9.45 -9.31 28.16
CA SER B 169 -10.43 -10.21 27.55
C SER B 169 -10.18 -11.64 27.97
N ASP B 170 -11.24 -12.43 28.12
CA ASP B 170 -11.06 -13.81 28.54
C ASP B 170 -10.91 -14.72 27.33
N ARG B 171 -9.68 -15.21 27.17
CA ARG B 171 -9.27 -16.02 26.04
C ARG B 171 -9.25 -17.50 26.48
N LEU B 172 -9.62 -18.46 25.63
CA LEU B 172 -10.11 -18.34 24.25
C LEU B 172 -9.25 -17.60 23.21
N VAL B 173 -9.91 -16.82 22.35
CA VAL B 173 -9.25 -16.15 21.23
C VAL B 173 -9.51 -14.65 21.13
N THR B 174 -8.45 -13.89 20.88
CA THR B 174 -8.58 -12.46 20.68
C THR B 174 -9.20 -12.15 19.32
N GLY B 175 -9.09 -13.09 18.39
CA GLY B 175 -9.67 -12.94 17.07
C GLY B 175 -10.95 -13.75 16.95
N LEU B 176 -11.56 -13.76 15.77
CA LEU B 176 -12.81 -14.51 15.57
C LEU B 176 -12.62 -16.02 15.62
N PRO B 177 -13.35 -16.69 16.52
CA PRO B 177 -13.26 -18.14 16.74
C PRO B 177 -13.96 -18.96 15.66
N SER B 178 -13.38 -20.11 15.34
CA SER B 178 -13.94 -21.02 14.35
C SER B 178 -15.08 -21.84 14.94
N GLY B 179 -15.04 -22.03 16.24
CA GLY B 179 -16.01 -22.89 16.92
C GLY B 179 -15.35 -24.19 17.31
N PHE B 180 -14.20 -24.45 16.70
CA PHE B 180 -13.41 -25.63 17.03
C PHE B 180 -12.27 -25.25 17.95
N THR B 181 -12.37 -25.70 19.20
CA THR B 181 -11.50 -25.23 20.28
C THR B 181 -10.00 -25.37 20.03
N GLU B 182 -9.56 -26.56 19.63
CA GLU B 182 -8.13 -26.84 19.48
C GLU B 182 -7.51 -26.07 18.30
N LEU B 183 -8.24 -25.98 17.19
CA LEU B 183 -7.78 -25.21 16.05
C LEU B 183 -7.67 -23.75 16.45
N ASP B 184 -8.70 -23.26 17.13
CA ASP B 184 -8.74 -21.89 17.62
C ASP B 184 -7.61 -21.64 18.62
N LEU B 185 -7.13 -22.69 19.27
CA LEU B 185 -6.04 -22.54 20.23
C LEU B 185 -4.71 -22.31 19.52
N LYS B 186 -4.46 -23.07 18.46
CA LYS B 186 -3.19 -22.99 17.75
C LYS B 186 -3.10 -21.71 16.91
N THR B 187 -4.23 -21.27 16.41
CA THR B 187 -4.32 -20.01 15.66
C THR B 187 -4.69 -18.87 16.61
N THR B 188 -4.17 -17.68 16.43
CA THR B 188 -4.62 -16.67 17.36
C THR B 188 -6.12 -16.50 17.21
N GLY B 189 -6.61 -16.77 16.03
CA GLY B 189 -7.98 -16.49 15.67
C GLY B 189 -7.98 -15.76 14.34
N PHE B 190 -9.15 -15.36 13.86
CA PHE B 190 -9.19 -14.63 12.61
C PHE B 190 -9.24 -13.14 12.91
N HIS B 191 -8.14 -12.47 12.62
CA HIS B 191 -7.99 -11.05 12.89
C HIS B 191 -8.44 -10.20 11.70
N PRO B 192 -8.81 -8.94 11.95
CA PRO B 192 -9.18 -8.05 10.85
C PRO B 192 -8.02 -7.77 9.90
N GLY B 193 -8.30 -7.87 8.61
CA GLY B 193 -7.34 -7.48 7.58
C GLY B 193 -6.37 -8.54 7.09
N ASP B 194 -6.69 -9.82 7.32
CA ASP B 194 -5.84 -10.89 6.82
C ASP B 194 -6.61 -11.89 5.95
N LEU B 195 -5.87 -12.63 5.12
CA LEU B 195 -6.49 -13.59 4.21
C LEU B 195 -6.25 -15.03 4.65
N ILE B 196 -7.33 -15.77 4.81
CA ILE B 196 -7.24 -17.17 5.20
C ILE B 196 -7.67 -18.06 4.05
N ILE B 197 -6.87 -19.08 3.77
CA ILE B 197 -7.17 -19.99 2.68
C ILE B 197 -7.42 -21.42 3.15
N LEU B 198 -8.62 -21.94 2.87
CA LEU B 198 -8.94 -23.32 3.15
C LEU B 198 -8.88 -24.13 1.85
N ALA B 199 -7.86 -24.98 1.74
CA ALA B 199 -7.62 -25.73 0.52
C ALA B 199 -7.70 -27.22 0.76
N ALA B 200 -8.48 -27.91 -0.08
CA ALA B 200 -8.61 -29.36 0.01
C ALA B 200 -9.08 -29.96 -1.32
N ARG B 201 -8.89 -31.26 -1.46
CA ARG B 201 -9.37 -31.98 -2.63
C ARG B 201 -10.89 -31.98 -2.63
N PRO B 202 -11.52 -32.14 -3.81
CA PRO B 202 -12.99 -32.16 -3.91
C PRO B 202 -13.62 -33.21 -2.98
N GLY B 203 -14.63 -32.78 -2.22
CA GLY B 203 -15.32 -33.68 -1.31
C GLY B 203 -14.68 -33.88 0.04
N MET B 204 -13.75 -33.01 0.40
CA MET B 204 -13.09 -33.08 1.70
C MET B 204 -13.86 -32.33 2.77
N GLY B 205 -14.97 -31.72 2.37
CA GLY B 205 -15.84 -31.02 3.30
C GLY B 205 -15.38 -29.62 3.65
N LYS B 206 -14.84 -28.90 2.68
CA LYS B 206 -14.44 -27.52 2.92
C LYS B 206 -15.63 -26.56 2.86
N THR B 207 -16.59 -26.85 1.98
CA THR B 207 -17.82 -26.08 1.91
C THR B 207 -18.61 -26.21 3.20
N ALA B 208 -18.67 -27.43 3.73
CA ALA B 208 -19.33 -27.72 4.99
C ALA B 208 -18.60 -27.10 6.18
N PHE B 209 -17.27 -27.14 6.15
CA PHE B 209 -16.45 -26.57 7.20
C PHE B 209 -16.69 -25.07 7.29
N MET B 210 -16.82 -24.42 6.13
CA MET B 210 -17.16 -23.01 6.07
C MET B 210 -18.52 -22.74 6.72
N LEU B 211 -19.51 -23.55 6.37
CA LEU B 211 -20.84 -23.43 6.95
C LEU B 211 -20.82 -23.59 8.46
N SER B 212 -19.99 -24.49 8.95
CA SER B 212 -19.83 -24.69 10.39
C SER B 212 -19.26 -23.45 11.05
N ILE B 213 -18.26 -22.86 10.41
CA ILE B 213 -17.62 -21.65 10.91
C ILE B 213 -18.60 -20.48 11.02
N ILE B 214 -19.31 -20.21 9.92
CA ILE B 214 -20.25 -19.10 9.88
C ILE B 214 -21.45 -19.30 10.81
N TYR B 215 -21.88 -20.56 10.96
CA TYR B 215 -22.96 -20.89 11.88
C TYR B 215 -22.56 -20.66 13.32
N ASN B 216 -21.41 -21.24 13.70
CA ASN B 216 -20.89 -21.09 15.06
C ASN B 216 -20.63 -19.62 15.40
N LEU B 217 -20.18 -18.88 14.39
CA LEU B 217 -19.94 -17.45 14.54
C LEU B 217 -21.24 -16.70 14.83
N ALA B 218 -22.26 -16.98 14.04
CA ALA B 218 -23.57 -16.33 14.20
C ALA B 218 -24.25 -16.67 15.52
N LYS B 219 -24.27 -17.95 15.88
CA LYS B 219 -24.98 -18.38 17.08
C LYS B 219 -24.30 -17.96 18.38
N ASP B 220 -23.03 -18.29 18.53
CA ASP B 220 -22.29 -17.99 19.76
C ASP B 220 -21.83 -16.55 19.86
N GLU B 221 -21.17 -16.07 18.81
CA GLU B 221 -20.59 -14.72 18.82
C GLU B 221 -21.59 -13.64 18.42
N GLY B 222 -22.80 -14.04 18.03
CA GLY B 222 -23.80 -13.09 17.61
C GLY B 222 -23.31 -12.12 16.57
N LYS B 223 -22.54 -12.62 15.60
CA LYS B 223 -21.92 -11.75 14.61
C LYS B 223 -22.41 -12.07 13.20
N PRO B 224 -22.59 -11.02 12.38
CA PRO B 224 -23.04 -11.18 10.99
C PRO B 224 -21.92 -11.65 10.06
N SER B 225 -22.28 -12.46 9.07
CA SER B 225 -21.36 -12.95 8.08
C SER B 225 -21.86 -12.89 6.65
N ALA B 226 -20.95 -12.92 5.68
CA ALA B 226 -21.33 -12.90 4.28
C ALA B 226 -20.63 -14.04 3.56
N VAL B 227 -21.35 -14.72 2.68
CA VAL B 227 -20.77 -15.77 1.86
C VAL B 227 -21.06 -15.53 0.39
N PHE B 228 -20.01 -15.56 -0.42
CA PHE B 228 -20.19 -15.55 -1.87
C PHE B 228 -20.08 -16.99 -2.34
N SER B 229 -21.19 -17.58 -2.74
CA SER B 229 -21.15 -18.95 -3.21
C SER B 229 -21.22 -18.96 -4.73
N LEU B 230 -20.07 -19.20 -5.35
CA LEU B 230 -19.96 -19.24 -6.80
C LEU B 230 -20.33 -20.62 -7.34
N GLU B 231 -20.12 -21.64 -6.52
CA GLU B 231 -20.35 -23.02 -6.91
C GLU B 231 -21.83 -23.40 -6.84
N MET B 232 -22.38 -23.44 -5.62
CA MET B 232 -23.75 -23.92 -5.40
C MET B 232 -24.75 -22.82 -5.11
N SER B 233 -26.01 -23.07 -5.45
CA SER B 233 -27.07 -22.08 -5.33
C SER B 233 -27.25 -21.61 -3.89
N LYS B 234 -27.85 -20.44 -3.70
CA LYS B 234 -28.13 -19.99 -2.35
C LYS B 234 -29.11 -20.95 -1.72
N GLU B 235 -30.10 -21.39 -2.47
CA GLU B 235 -31.01 -22.38 -1.95
C GLU B 235 -30.30 -23.69 -1.67
N GLN B 236 -29.44 -24.10 -2.57
CA GLN B 236 -28.79 -25.38 -2.41
C GLN B 236 -27.94 -25.36 -1.18
N LEU B 237 -27.26 -24.25 -0.98
CA LEU B 237 -26.37 -24.13 0.14
C LEU B 237 -27.14 -24.19 1.43
N VAL B 238 -28.25 -23.48 1.49
CA VAL B 238 -28.98 -23.37 2.72
C VAL B 238 -29.49 -24.71 3.19
N MET B 239 -30.03 -25.49 2.26
CA MET B 239 -30.56 -26.78 2.63
C MET B 239 -29.47 -27.55 3.33
N ARG B 240 -28.27 -27.46 2.79
CA ARG B 240 -27.12 -28.08 3.40
C ARG B 240 -27.10 -27.76 4.87
N LEU B 241 -27.04 -26.48 5.19
CA LEU B 241 -26.91 -26.06 6.59
C LEU B 241 -28.04 -26.57 7.47
N LEU B 242 -29.25 -26.61 6.90
CA LEU B 242 -30.42 -27.12 7.61
C LEU B 242 -30.19 -28.61 7.86
N SER B 243 -29.57 -29.28 6.91
CA SER B 243 -29.23 -30.69 7.03
C SER B 243 -28.20 -30.90 8.14
N MET B 244 -27.27 -29.95 8.25
CA MET B 244 -26.25 -30.00 9.29
C MET B 244 -26.84 -29.75 10.68
N MET B 245 -27.77 -28.80 10.76
CA MET B 245 -28.40 -28.43 12.03
C MET B 245 -29.32 -29.52 12.55
N SER B 246 -30.23 -29.98 11.70
CA SER B 246 -31.25 -30.95 12.10
C SER B 246 -30.71 -32.37 12.10
N GLU B 247 -29.50 -32.54 11.55
CA GLU B 247 -28.86 -33.84 11.43
C GLU B 247 -29.69 -34.84 10.62
N VAL B 248 -30.45 -34.31 9.67
CA VAL B 248 -31.16 -35.14 8.70
C VAL B 248 -30.38 -35.21 7.39
N PRO B 249 -30.04 -36.43 6.95
CA PRO B 249 -29.26 -36.68 5.72
C PRO B 249 -29.92 -36.11 4.47
N LEU B 250 -29.13 -35.50 3.59
CA LEU B 250 -29.65 -34.83 2.40
C LEU B 250 -30.41 -35.77 1.49
N PHE B 251 -29.94 -37.01 1.39
CA PHE B 251 -30.56 -37.99 0.50
C PHE B 251 -32.00 -38.29 0.92
N LYS B 252 -32.25 -38.26 2.23
CA LYS B 252 -33.59 -38.45 2.75
C LYS B 252 -34.47 -37.24 2.47
N ILE B 253 -33.89 -36.06 2.56
CA ILE B 253 -34.62 -34.82 2.35
C ILE B 253 -35.26 -34.74 0.97
N ARG B 254 -34.38 -34.90 -0.02
CA ARG B 254 -34.67 -34.86 -1.46
C ARG B 254 -35.51 -36.00 -1.98
N SER B 255 -35.26 -37.18 -1.46
CA SER B 255 -35.93 -38.38 -1.92
C SER B 255 -37.42 -38.32 -1.63
N GLY B 256 -37.78 -37.54 -0.61
CA GLY B 256 -39.14 -37.51 -0.12
C GLY B 256 -39.29 -38.57 0.94
N SER B 257 -38.16 -39.19 1.26
CA SER B 257 -38.11 -40.29 2.21
C SER B 257 -38.32 -39.88 3.65
N ILE B 258 -38.30 -38.58 3.91
CA ILE B 258 -38.39 -38.10 5.28
C ILE B 258 -39.74 -38.30 5.94
N SER B 259 -39.67 -38.32 7.26
CA SER B 259 -40.79 -38.44 8.20
C SER B 259 -41.04 -37.17 8.97
N ASN B 260 -42.22 -37.09 9.57
CA ASN B 260 -42.66 -35.90 10.25
C ASN B 260 -41.71 -35.55 11.36
N GLU B 261 -41.15 -36.55 12.00
CA GLU B 261 -40.20 -36.32 13.07
C GLU B 261 -39.03 -35.55 12.49
N ASP B 262 -38.62 -35.92 11.29
CA ASP B 262 -37.55 -35.23 10.59
C ASP B 262 -37.96 -33.80 10.33
N LEU B 263 -39.14 -33.62 9.76
CA LEU B 263 -39.58 -32.31 9.37
C LEU B 263 -39.47 -31.28 10.49
N LYS B 264 -40.34 -31.36 11.49
CA LYS B 264 -40.35 -30.38 12.57
C LYS B 264 -38.93 -29.95 12.96
N LYS B 265 -38.00 -30.91 12.96
CA LYS B 265 -36.59 -30.60 13.23
C LYS B 265 -36.06 -29.62 12.19
N LEU B 266 -36.38 -29.86 10.93
CA LEU B 266 -35.98 -28.97 9.84
C LEU B 266 -36.64 -27.60 9.96
N GLU B 267 -37.91 -27.58 10.34
CA GLU B 267 -38.64 -26.32 10.51
C GLU B 267 -38.07 -25.50 11.66
N ALA B 268 -37.79 -26.17 12.78
CA ALA B 268 -37.17 -25.51 13.93
C ALA B 268 -35.81 -24.95 13.54
N SER B 269 -35.05 -25.74 12.79
CA SER B 269 -33.75 -25.30 12.31
C SER B 269 -33.91 -24.08 11.40
N ALA B 270 -35.00 -24.06 10.64
CA ALA B 270 -35.29 -22.94 9.76
C ALA B 270 -35.59 -21.67 10.56
N ILE B 271 -36.33 -21.84 11.66
CA ILE B 271 -36.63 -20.72 12.54
C ILE B 271 -35.37 -20.19 13.22
N GLU B 272 -34.56 -21.11 13.74
CA GLU B 272 -33.32 -20.75 14.40
C GLU B 272 -32.33 -20.06 13.45
N LEU B 273 -32.27 -20.55 12.22
CA LEU B 273 -31.37 -19.97 11.22
C LEU B 273 -31.85 -18.59 10.81
N ALA B 274 -33.18 -18.43 10.73
CA ALA B 274 -33.77 -17.14 10.39
C ALA B 274 -33.47 -16.09 11.45
N LYS B 275 -33.23 -16.54 12.68
CA LYS B 275 -32.84 -15.65 13.78
C LYS B 275 -31.46 -15.03 13.53
N TYR B 276 -30.56 -15.81 12.95
CA TYR B 276 -29.19 -15.36 12.71
C TYR B 276 -29.10 -14.44 11.50
N ASP B 277 -28.12 -13.54 11.51
CA ASP B 277 -27.91 -12.65 10.38
C ASP B 277 -26.81 -13.19 9.48
N ILE B 278 -27.21 -13.68 8.32
CA ILE B 278 -26.26 -14.21 7.34
C ILE B 278 -26.69 -13.81 5.95
N TYR B 279 -25.77 -13.22 5.18
CA TYR B 279 -26.09 -12.72 3.85
C TYR B 279 -25.38 -13.53 2.76
N LEU B 280 -26.15 -13.96 1.76
CA LEU B 280 -25.64 -14.81 0.69
C LEU B 280 -25.79 -14.18 -0.67
N ASP B 281 -24.74 -14.31 -1.49
CA ASP B 281 -24.81 -13.90 -2.89
C ASP B 281 -24.33 -15.03 -3.78
N ASP B 282 -25.19 -15.59 -4.59
CA ASP B 282 -24.74 -16.59 -5.53
C ASP B 282 -24.72 -16.04 -6.92
N THR B 283 -23.54 -15.68 -7.37
CA THR B 283 -23.32 -15.20 -8.73
C THR B 283 -22.32 -16.14 -9.38
N PRO B 284 -22.72 -16.81 -10.46
CA PRO B 284 -21.97 -17.94 -11.01
C PRO B 284 -20.51 -17.60 -11.31
N ALA B 285 -20.26 -16.48 -11.97
CA ALA B 285 -18.89 -16.04 -12.16
C ALA B 285 -18.74 -14.57 -11.73
N LEU B 286 -18.05 -14.34 -10.63
CA LEU B 286 -17.78 -12.98 -10.20
C LEU B 286 -16.38 -12.54 -10.55
N THR B 287 -16.25 -11.28 -10.97
CA THR B 287 -14.96 -10.65 -11.05
C THR B 287 -14.59 -10.24 -9.63
N THR B 288 -13.29 -10.15 -9.35
CA THR B 288 -12.84 -9.71 -8.04
C THR B 288 -13.35 -8.30 -7.74
N THR B 289 -13.36 -7.45 -8.77
CA THR B 289 -13.81 -6.07 -8.63
C THR B 289 -15.29 -5.98 -8.25
N ASP B 290 -16.12 -6.84 -8.84
CA ASP B 290 -17.52 -6.92 -8.47
C ASP B 290 -17.65 -7.31 -7.00
N LEU B 291 -16.93 -8.35 -6.62
CA LEU B 291 -16.94 -8.85 -5.25
C LEU B 291 -16.55 -7.84 -4.17
N ARG B 292 -15.56 -7.00 -4.46
CA ARG B 292 -15.17 -5.94 -3.54
C ARG B 292 -16.21 -4.82 -3.42
N ILE B 293 -16.80 -4.48 -4.57
CA ILE B 293 -17.85 -3.47 -4.66
C ILE B 293 -19.01 -3.94 -3.79
N ARG B 294 -19.45 -5.18 -4.01
CA ARG B 294 -20.54 -5.75 -3.26
C ARG B 294 -20.21 -5.89 -1.77
N ALA B 295 -19.01 -6.39 -1.48
CA ALA B 295 -18.56 -6.55 -0.10
C ALA B 295 -18.35 -5.18 0.56
N ARG B 296 -17.98 -4.19 -0.25
CA ARG B 296 -17.80 -2.83 0.22
C ARG B 296 -19.12 -2.31 0.79
N LYS B 297 -20.17 -2.41 -0.02
CA LYS B 297 -21.51 -1.97 0.38
C LYS B 297 -22.07 -2.78 1.54
N LEU B 298 -21.85 -4.09 1.50
CA LEU B 298 -22.36 -4.99 2.52
C LEU B 298 -21.71 -4.75 3.88
N ARG B 299 -20.44 -4.40 3.87
CA ARG B 299 -19.71 -4.07 5.11
C ARG B 299 -20.20 -2.76 5.73
N LYS B 300 -20.52 -1.78 4.88
CA LYS B 300 -21.03 -0.51 5.36
C LYS B 300 -22.46 -0.61 5.86
N GLU B 301 -23.33 -1.20 5.06
CA GLU B 301 -24.76 -1.24 5.35
C GLU B 301 -25.15 -2.18 6.48
N LYS B 302 -24.76 -3.45 6.38
CA LYS B 302 -25.11 -4.45 7.39
C LYS B 302 -24.00 -4.76 8.40
N GLU B 303 -22.83 -4.16 8.21
CA GLU B 303 -21.68 -4.40 9.07
C GLU B 303 -21.38 -5.88 9.32
N VAL B 304 -20.81 -6.53 8.32
CA VAL B 304 -20.45 -7.94 8.42
C VAL B 304 -18.98 -8.06 8.83
N GLU B 305 -18.72 -8.90 9.83
CA GLU B 305 -17.39 -9.01 10.39
C GLU B 305 -16.59 -10.18 9.80
N PHE B 306 -17.22 -10.93 8.90
CA PHE B 306 -16.58 -12.07 8.28
C PHE B 306 -17.09 -12.29 6.86
N VAL B 307 -16.19 -12.67 5.97
CA VAL B 307 -16.55 -12.93 4.58
C VAL B 307 -15.93 -14.24 4.07
N ALA B 308 -16.77 -15.10 3.50
CA ALA B 308 -16.30 -16.36 2.96
C ALA B 308 -16.55 -16.45 1.46
N VAL B 309 -15.57 -16.93 0.72
CA VAL B 309 -15.70 -17.09 -0.72
C VAL B 309 -15.50 -18.54 -1.14
N ASP B 310 -16.51 -19.14 -1.77
CA ASP B 310 -16.42 -20.52 -2.22
C ASP B 310 -16.75 -20.64 -3.70
N TYR B 311 -15.75 -20.95 -4.52
CA TYR B 311 -14.36 -21.02 -4.06
C TYR B 311 -13.41 -20.17 -4.94
N LEU B 312 -12.12 -20.22 -4.63
CA LEU B 312 -11.11 -19.33 -5.21
C LEU B 312 -11.02 -19.34 -6.74
N GLN B 313 -10.87 -20.52 -7.33
CA GLN B 313 -10.67 -20.64 -8.77
C GLN B 313 -11.83 -20.10 -9.59
N LEU B 314 -13.00 -20.00 -8.97
CA LEU B 314 -14.19 -19.52 -9.64
C LEU B 314 -14.17 -18.00 -9.86
N LEU B 315 -13.38 -17.31 -9.07
CA LEU B 315 -13.18 -15.86 -9.22
C LEU B 315 -12.32 -15.55 -10.44
N ARG B 316 -12.53 -14.36 -11.01
CA ARG B 316 -11.70 -13.91 -12.14
C ARG B 316 -11.38 -12.42 -12.04
N PRO B 317 -10.20 -12.01 -12.53
CA PRO B 317 -9.75 -10.61 -12.46
C PRO B 317 -10.46 -9.71 -13.47
N PRO B 318 -10.47 -8.38 -13.22
CA PRO B 318 -11.05 -7.39 -14.12
C PRO B 318 -10.45 -7.40 -15.52
N VAL B 319 -9.17 -7.72 -15.60
CA VAL B 319 -8.46 -7.88 -16.86
C VAL B 319 -7.86 -9.28 -16.88
N ARG B 320 -8.15 -10.03 -17.93
CA ARG B 320 -7.73 -11.43 -18.01
C ARG B 320 -6.21 -11.52 -18.16
N LYS B 321 -5.59 -12.47 -17.47
CA LYS B 321 -4.15 -12.64 -17.53
C LYS B 321 -3.74 -14.02 -18.02
N SER B 322 -2.46 -14.16 -18.38
CA SER B 322 -1.94 -15.41 -18.92
C SER B 322 -0.88 -16.11 -18.06
N PRO B 323 -0.76 -17.45 -18.22
CA PRO B 323 -1.86 -18.25 -18.76
C PRO B 323 -2.99 -18.49 -17.75
N ARG B 324 -2.62 -18.99 -16.58
CA ARG B 324 -3.57 -19.30 -15.52
C ARG B 324 -3.06 -18.86 -14.16
N GLN B 325 -1.92 -19.40 -13.77
CA GLN B 325 -1.33 -19.20 -12.45
C GLN B 325 -1.23 -17.72 -12.06
N GLU B 326 -0.84 -16.89 -13.02
CA GLU B 326 -0.70 -15.45 -12.77
C GLU B 326 -2.08 -14.83 -12.54
N GLU B 327 -3.06 -15.33 -13.27
CA GLU B 327 -4.45 -14.90 -13.14
C GLU B 327 -4.99 -15.24 -11.76
N VAL B 328 -4.75 -16.48 -11.32
CA VAL B 328 -5.15 -16.94 -10.00
C VAL B 328 -4.41 -16.19 -8.89
N ALA B 329 -3.11 -15.99 -9.09
CA ALA B 329 -2.28 -15.24 -8.16
C ALA B 329 -2.78 -13.80 -8.02
N GLU B 330 -3.25 -13.24 -9.14
CA GLU B 330 -3.84 -11.91 -9.14
C GLU B 330 -5.08 -11.84 -8.25
N VAL B 331 -5.93 -12.86 -8.36
CA VAL B 331 -7.13 -12.96 -7.53
C VAL B 331 -6.78 -12.94 -6.04
N SER B 332 -5.75 -13.70 -5.66
CA SER B 332 -5.28 -13.75 -4.28
C SER B 332 -4.91 -12.36 -3.75
N ARG B 333 -4.17 -11.61 -4.55
CA ARG B 333 -3.75 -10.26 -4.18
C ARG B 333 -4.96 -9.38 -3.97
N ASN B 334 -5.95 -9.50 -4.85
CA ASN B 334 -7.17 -8.71 -4.77
C ASN B 334 -7.93 -8.96 -3.48
N LEU B 335 -8.07 -10.23 -3.12
CA LEU B 335 -8.76 -10.63 -1.90
C LEU B 335 -8.03 -10.11 -0.66
N LYS B 336 -6.71 -10.17 -0.71
CA LYS B 336 -5.90 -9.64 0.38
C LYS B 336 -6.16 -8.14 0.55
N ALA B 337 -6.22 -7.44 -0.59
CA ALA B 337 -6.51 -6.01 -0.58
C ALA B 337 -7.91 -5.75 -0.01
N LEU B 338 -8.84 -6.65 -0.31
CA LEU B 338 -10.20 -6.54 0.20
C LEU B 338 -10.23 -6.69 1.71
N ALA B 339 -9.52 -7.71 2.20
CA ALA B 339 -9.41 -7.94 3.64
C ALA B 339 -8.84 -6.72 4.36
N LYS B 340 -7.82 -6.12 3.76
CA LYS B 340 -7.20 -4.93 4.32
C LYS B 340 -8.18 -3.76 4.36
N GLU B 341 -8.86 -3.52 3.25
CA GLU B 341 -9.80 -2.41 3.15
C GLU B 341 -10.99 -2.55 4.09
N LEU B 342 -11.63 -3.71 4.07
CA LEU B 342 -12.83 -3.92 4.89
C LEU B 342 -12.51 -4.09 6.36
N ARG B 343 -11.23 -4.31 6.67
CA ARG B 343 -10.76 -4.50 8.04
C ARG B 343 -11.49 -5.66 8.72
N ILE B 344 -11.71 -6.73 7.97
CA ILE B 344 -12.28 -7.96 8.49
C ILE B 344 -11.54 -9.16 7.88
N PRO B 345 -11.55 -10.30 8.58
CA PRO B 345 -10.92 -11.49 7.99
C PRO B 345 -11.72 -12.00 6.79
N VAL B 346 -11.02 -12.34 5.71
CA VAL B 346 -11.65 -12.89 4.52
C VAL B 346 -11.14 -14.29 4.25
N MET B 347 -12.05 -15.25 4.13
CA MET B 347 -11.67 -16.64 3.94
C MET B 347 -12.08 -17.16 2.57
N ALA B 348 -11.09 -17.59 1.79
CA ALA B 348 -11.33 -18.13 0.46
C ALA B 348 -11.01 -19.62 0.43
N LEU B 349 -11.90 -20.40 -0.20
CA LEU B 349 -11.71 -21.84 -0.33
C LEU B 349 -11.03 -22.16 -1.66
N ALA B 350 -10.16 -23.17 -1.66
CA ALA B 350 -9.44 -23.54 -2.88
C ALA B 350 -9.43 -25.05 -3.11
N GLN B 351 -9.41 -25.45 -4.38
CA GLN B 351 -9.41 -26.87 -4.73
C GLN B 351 -8.02 -27.34 -5.14
N LEU B 352 -7.69 -28.58 -4.80
CA LEU B 352 -6.36 -29.12 -5.08
C LEU B 352 -6.37 -30.13 -6.23
N SER B 353 -5.40 -30.01 -7.13
CA SER B 353 -5.27 -30.92 -8.26
C SER B 353 -4.61 -32.23 -7.84
N LYS B 362 0.40 -39.03 0.42
CA LYS B 362 -0.11 -39.03 1.79
C LYS B 362 -1.03 -37.84 2.02
N ARG B 363 -0.66 -36.97 2.95
CA ARG B 363 -1.45 -35.80 3.27
C ARG B 363 -1.38 -34.82 2.14
N PRO B 364 -2.13 -33.72 2.20
CA PRO B 364 -1.83 -32.70 1.19
C PRO B 364 -0.78 -31.74 1.72
N GLN B 365 0.05 -31.18 0.84
CA GLN B 365 1.09 -30.27 1.27
C GLN B 365 1.18 -29.01 0.41
N LEU B 366 2.07 -28.12 0.80
CA LEU B 366 2.21 -26.80 0.17
C LEU B 366 2.55 -26.88 -1.31
N ALA B 367 3.37 -27.86 -1.70
CA ALA B 367 3.75 -28.03 -3.10
C ALA B 367 2.55 -28.22 -4.03
N ASP B 368 1.57 -28.99 -3.56
CA ASP B 368 0.34 -29.24 -4.32
C ASP B 368 -0.42 -27.96 -4.60
N LEU B 369 -0.39 -27.05 -3.63
CA LEU B 369 -1.06 -25.77 -3.74
C LEU B 369 -0.32 -24.83 -4.69
N ARG B 370 1.00 -24.92 -4.70
CA ARG B 370 1.82 -24.08 -5.56
C ARG B 370 1.57 -24.37 -7.05
N GLU B 371 1.28 -25.64 -7.37
CA GLU B 371 0.91 -26.03 -8.73
C GLU B 371 -0.34 -25.32 -9.19
N SER B 372 -1.15 -24.90 -8.22
CA SER B 372 -2.43 -24.26 -8.45
C SER B 372 -2.34 -22.75 -8.72
N GLY B 373 -1.13 -22.20 -8.79
CA GLY B 373 -1.00 -20.77 -9.00
C GLY B 373 -0.42 -19.93 -7.87
N GLN B 374 0.30 -20.57 -6.96
CA GLN B 374 1.06 -19.93 -5.87
C GLN B 374 0.27 -18.88 -5.09
N ILE B 375 -0.71 -19.34 -4.33
CA ILE B 375 -1.50 -18.48 -3.46
C ILE B 375 -0.84 -18.30 -2.09
N GLU B 376 0.03 -19.26 -1.74
CA GLU B 376 0.64 -19.33 -0.40
C GLU B 376 1.39 -18.06 -0.01
N GLN B 377 1.94 -17.38 -1.01
CA GLN B 377 2.76 -16.20 -0.78
C GLN B 377 1.95 -14.97 -0.33
N ASP B 378 0.70 -14.89 -0.78
CA ASP B 378 -0.16 -13.76 -0.42
C ASP B 378 -1.06 -14.03 0.79
N ALA B 379 -1.02 -15.26 1.30
CA ALA B 379 -1.94 -15.70 2.35
C ALA B 379 -1.32 -15.60 3.75
N ASP B 380 -2.10 -15.07 4.69
CA ASP B 380 -1.65 -14.99 6.08
C ASP B 380 -1.82 -16.30 6.84
N LEU B 381 -2.81 -17.10 6.44
CA LEU B 381 -3.05 -18.41 7.06
C LEU B 381 -3.52 -19.43 6.03
N ILE B 382 -2.96 -20.63 6.09
CA ILE B 382 -3.35 -21.70 5.16
C ILE B 382 -3.81 -22.96 5.88
N LEU B 383 -5.03 -23.39 5.58
CA LEU B 383 -5.58 -24.60 6.18
C LEU B 383 -5.85 -25.67 5.13
N PHE B 384 -5.44 -26.90 5.43
CA PHE B 384 -5.78 -28.04 4.58
C PHE B 384 -6.76 -28.97 5.28
N LEU B 385 -7.59 -29.65 4.50
CA LEU B 385 -8.49 -30.67 5.03
C LEU B 385 -8.17 -32.03 4.43
N HIS B 386 -8.14 -33.05 5.28
CA HIS B 386 -7.81 -34.40 4.84
C HIS B 386 -8.69 -35.43 5.52
N ARG B 387 -9.24 -36.35 4.73
CA ARG B 387 -10.12 -37.38 5.25
C ARG B 387 -9.65 -38.76 4.79
N PRO B 388 -8.79 -39.40 5.60
CA PRO B 388 -8.18 -40.71 5.30
C PRO B 388 -9.20 -41.82 4.96
N GLU B 389 -10.41 -41.73 5.46
CA GLU B 389 -11.44 -42.73 5.16
C GLU B 389 -11.98 -42.58 3.73
N TYR B 390 -11.91 -41.37 3.18
CA TYR B 390 -12.39 -41.11 1.83
C TYR B 390 -11.59 -41.88 0.80
N TYR B 391 -10.29 -42.02 1.05
CA TYR B 391 -9.40 -42.80 0.18
C TYR B 391 -9.59 -44.29 0.43
N THR B 392 -9.88 -44.64 1.68
CA THR B 392 -10.12 -46.01 2.11
C THR B 392 -8.94 -46.93 1.81
N PRO B 397 -9.27 -51.54 5.83
CA PRO B 397 -8.61 -50.35 6.39
C PRO B 397 -8.46 -50.44 7.90
N GLU B 398 -8.58 -49.30 8.59
CA GLU B 398 -8.48 -49.25 10.04
C GLU B 398 -9.66 -48.47 10.58
N GLU B 399 -10.04 -48.74 11.82
CA GLU B 399 -11.20 -48.07 12.39
C GLU B 399 -10.94 -46.58 12.43
N GLN B 400 -11.95 -45.79 12.04
CA GLN B 400 -11.81 -44.35 11.93
C GLN B 400 -13.15 -43.67 11.73
N GLY B 401 -13.24 -42.42 12.17
CA GLY B 401 -14.46 -41.65 12.07
C GLY B 401 -14.03 -40.20 11.98
N ILE B 402 -12.73 -40.00 11.74
CA ILE B 402 -12.08 -38.71 11.94
C ILE B 402 -11.51 -38.09 10.66
N ALA B 403 -11.38 -36.77 10.68
CA ALA B 403 -10.77 -35.99 9.60
C ALA B 403 -9.79 -35.00 10.23
N GLU B 404 -8.69 -34.70 9.54
CA GLU B 404 -7.66 -33.83 10.12
C GLU B 404 -7.52 -32.48 9.43
N VAL B 405 -7.37 -31.42 10.23
CA VAL B 405 -7.16 -30.08 9.71
C VAL B 405 -5.70 -29.66 9.84
N ILE B 406 -5.01 -29.58 8.72
CA ILE B 406 -3.60 -29.19 8.73
C ILE B 406 -3.27 -27.72 8.51
N ILE B 407 -2.29 -27.19 9.24
CA ILE B 407 -1.86 -25.81 9.04
C ILE B 407 -0.49 -25.79 8.36
N ALA B 408 -0.50 -25.41 7.08
CA ALA B 408 0.72 -25.35 6.28
C ALA B 408 1.49 -24.09 6.57
N LYS B 409 0.77 -22.98 6.70
CA LYS B 409 1.40 -21.68 6.89
C LYS B 409 0.70 -20.84 7.95
N GLN B 410 1.48 -20.30 8.86
CA GLN B 410 0.95 -19.43 9.88
C GLN B 410 1.93 -18.31 10.01
N ARG B 411 1.44 -17.10 10.16
CA ARG B 411 2.38 -16.03 10.21
C ARG B 411 3.24 -16.16 11.42
N GLN B 412 2.74 -16.80 12.46
CA GLN B 412 3.53 -16.96 13.66
C GLN B 412 4.78 -17.77 13.41
N GLY B 413 4.62 -18.93 12.78
CA GLY B 413 5.73 -19.84 12.56
C GLY B 413 5.38 -21.28 12.31
N PRO B 414 5.28 -22.08 13.36
CA PRO B 414 5.16 -23.54 13.22
C PRO B 414 3.91 -24.10 12.52
N THR B 415 4.14 -25.10 11.68
CA THR B 415 3.12 -26.01 11.16
C THR B 415 2.68 -27.01 12.22
N ASP B 416 1.38 -27.21 12.32
CA ASP B 416 0.81 -28.10 13.33
C ASP B 416 -0.46 -28.75 12.77
N ILE B 417 -0.92 -29.83 13.41
CA ILE B 417 -2.09 -30.54 12.93
C ILE B 417 -3.16 -30.72 14.00
N VAL B 418 -4.42 -30.55 13.60
CA VAL B 418 -5.56 -30.66 14.51
C VAL B 418 -6.54 -31.70 13.97
N LYS B 419 -6.81 -32.72 14.78
CA LYS B 419 -7.84 -33.68 14.45
C LYS B 419 -9.20 -33.11 14.80
N LEU B 420 -10.22 -33.56 14.11
CA LEU B 420 -11.60 -33.31 14.51
C LEU B 420 -12.52 -34.41 13.98
N ALA B 421 -13.72 -34.49 14.53
CA ALA B 421 -14.68 -35.50 14.11
C ALA B 421 -15.45 -35.05 12.88
N PHE B 422 -15.73 -35.99 11.98
CA PHE B 422 -16.53 -35.67 10.80
C PHE B 422 -17.56 -36.76 10.53
N ILE B 423 -18.82 -36.36 10.48
CA ILE B 423 -19.89 -37.30 10.22
C ILE B 423 -20.26 -37.27 8.74
N LYS B 424 -20.00 -38.40 8.07
CA LYS B 424 -20.21 -38.55 6.63
C LYS B 424 -21.62 -38.17 6.19
N GLU B 425 -22.61 -38.66 6.91
CA GLU B 425 -24.02 -38.47 6.54
C GLU B 425 -24.55 -37.04 6.68
N TYR B 426 -24.22 -36.39 7.80
CA TYR B 426 -24.75 -35.05 8.04
C TYR B 426 -23.78 -34.03 7.46
N THR B 427 -22.60 -34.50 7.06
CA THR B 427 -21.54 -33.62 6.60
C THR B 427 -21.26 -32.57 7.67
N LYS B 428 -21.12 -33.03 8.91
CA LYS B 428 -21.03 -32.15 10.07
C LYS B 428 -19.69 -32.31 10.79
N PHE B 429 -19.05 -31.18 11.10
CA PHE B 429 -17.81 -31.17 11.88
C PHE B 429 -18.09 -30.93 13.37
N ALA B 430 -17.35 -31.62 14.23
CA ALA B 430 -17.52 -31.48 15.67
C ALA B 430 -16.22 -31.68 16.45
N ASN B 431 -16.16 -31.06 17.62
CA ASN B 431 -15.03 -31.23 18.55
C ASN B 431 -15.04 -32.63 19.15
N LEU B 432 -13.87 -33.23 19.31
CA LEU B 432 -13.80 -34.57 19.89
C LEU B 432 -14.09 -34.55 21.38
#